data_4X21
#
_entry.id   4X21
#
_cell.length_a   155.940
_cell.length_b   109.840
_cell.length_c   43.910
_cell.angle_alpha   90.00
_cell.angle_beta   90.00
_cell.angle_gamma   90.00
#
_symmetry.space_group_name_H-M   'P 21 21 2'
#
loop_
_entity.id
_entity.type
_entity.pdbx_description
1 polymer 'Mitogen-activated protein kinase 10'
2 non-polymer N-ethyl-4-{[4-(1H-indol-3-yl)-5-iodopyrimidin-2-yl]amino}piperidine-1-carboxamide
3 non-polymer 'CHLORIDE ION'
4 water water
#
_entity_poly.entity_id   1
_entity_poly.type   'polypeptide(L)'
_entity_poly.pdbx_seq_one_letter_code
;GGSMSKSKVDNQFYSVEVGDSTFTVLKRYQNLKPIGSGAQGIVCAAYDAVLDRNVAIKKLSRPFQNQTHAKRAYRELVLM
KCVNHKNIISLLNVFTPQKTLEEFQDVYLVMELMDANLCQVIQMELDHERMSYLLYQMLCGIKHLHSAGIIHRDLKPSNI
VVKSDCTLKILDFGLARTAGTSFMMTPYVVTRYYRAPEVILGMGYKENVDIWSVGCIMGEMVRHKILFPGRDYIDQWNKV
IEQLGTPCPEFMKKLQPTVRNYVENRPKYAGLTFPKLFPDSLFPADSEHNKLKASQARDLLSKMLVIDPAKRISVDDALQ
HPYINVWYDPAEVEAPPPQIYDKQLDEREHTIEEWKELIYKEVMNSE
;
_entity_poly.pdbx_strand_id   A,B
#
# COMPACT_ATOMS: atom_id res chain seq x y z
N ASN A 11 21.53 40.29 -0.18
CA ASN A 11 21.20 38.93 -0.49
C ASN A 11 20.19 38.90 -1.60
N GLN A 12 20.15 37.80 -2.31
CA GLN A 12 19.22 37.70 -3.42
C GLN A 12 17.91 36.97 -3.05
N PHE A 13 17.88 36.42 -1.86
CA PHE A 13 16.69 35.76 -1.29
C PHE A 13 16.08 36.56 -0.13
N TYR A 14 14.83 36.29 0.19
CA TYR A 14 14.20 36.76 1.41
C TYR A 14 13.35 35.63 1.94
N SER A 15 12.92 35.72 3.18
CA SER A 15 12.08 34.65 3.68
C SER A 15 10.70 35.17 4.10
N VAL A 16 9.68 34.35 3.90
CA VAL A 16 8.33 34.70 4.34
C VAL A 16 7.67 33.42 4.82
N GLU A 17 6.88 33.50 5.90
CA GLU A 17 6.09 32.35 6.31
C GLU A 17 4.78 32.38 5.53
N VAL A 18 4.49 31.30 4.81
CA VAL A 18 3.27 31.22 4.01
C VAL A 18 2.57 29.89 4.15
N GLY A 19 1.31 29.90 4.58
CA GLY A 19 0.57 28.66 4.77
C GLY A 19 1.26 27.70 5.70
N ASP A 20 1.79 28.23 6.80
CA ASP A 20 2.44 27.48 7.87
C ASP A 20 3.77 26.82 7.45
N SER A 21 4.39 27.35 6.39
CA SER A 21 5.71 26.92 5.97
C SER A 21 6.64 28.09 5.72
N THR A 22 7.92 27.87 5.79
CA THR A 22 8.84 28.96 5.49
C THR A 22 9.27 28.89 4.01
N PHE A 23 8.91 29.90 3.24
CA PHE A 23 9.39 30.03 1.86
C PHE A 23 10.58 30.97 1.78
N THR A 24 11.73 30.48 1.33
CA THR A 24 12.85 31.37 1.06
C THR A 24 13.08 31.41 -0.43
N VAL A 25 12.80 32.56 -1.04
CA VAL A 25 12.72 32.67 -2.49
C VAL A 25 13.47 33.89 -3.02
N LEU A 26 13.71 33.88 -4.31
CA LEU A 26 14.27 35.01 -5.02
C LEU A 26 13.40 36.25 -4.91
N LYS A 27 14.05 37.40 -4.84
CA LYS A 27 13.37 38.63 -4.57
C LYS A 27 12.41 39.03 -5.67
N ARG A 28 12.62 38.52 -6.86
CA ARG A 28 11.69 38.75 -7.92
C ARG A 28 10.31 38.27 -7.56
N TYR A 29 10.21 37.29 -6.67
CA TYR A 29 8.91 36.73 -6.35
C TYR A 29 8.28 37.42 -5.16
N GLN A 30 7.12 38.02 -5.34
CA GLN A 30 6.56 38.90 -4.34
C GLN A 30 5.13 38.51 -3.99
N ASN A 31 4.69 38.94 -2.81
CA ASN A 31 3.31 38.73 -2.37
C ASN A 31 2.88 37.27 -2.50
N LEU A 32 3.65 36.38 -1.89
CA LEU A 32 3.31 34.96 -1.90
C LEU A 32 2.00 34.72 -1.15
N LYS A 33 1.11 33.94 -1.75
CA LYS A 33 -0.19 33.60 -1.19
C LYS A 33 -0.38 32.09 -1.33
N PRO A 34 -0.81 31.41 -0.26
CA PRO A 34 -1.03 29.97 -0.31
C PRO A 34 -2.19 29.60 -1.22
N ILE A 35 -2.01 28.63 -2.10
CA ILE A 35 -3.11 28.24 -2.97
C ILE A 35 -3.46 26.76 -2.80
N GLY A 36 -2.70 26.07 -1.96
CA GLY A 36 -2.98 24.68 -1.62
C GLY A 36 -1.75 23.89 -1.24
N SER A 37 -1.92 22.59 -1.00
CA SER A 37 -0.82 21.71 -0.67
C SER A 37 -1.10 20.28 -1.08
N GLY A 38 -0.04 19.52 -1.26
CA GLY A 38 -0.10 18.13 -1.57
C GLY A 38 0.89 17.39 -0.72
N ALA A 39 1.06 16.12 -0.98
CA ALA A 39 2.08 15.37 -0.30
C ALA A 39 3.41 15.78 -0.92
N GLN A 40 3.38 16.11 -2.19
CA GLN A 40 4.59 16.45 -2.90
C GLN A 40 5.16 17.77 -2.43
N GLY A 41 4.31 18.65 -1.90
CA GLY A 41 4.75 19.96 -1.42
C GLY A 41 3.67 21.02 -1.24
N ILE A 42 4.05 22.18 -0.75
CA ILE A 42 3.09 23.22 -0.49
C ILE A 42 3.31 24.23 -1.56
N VAL A 43 2.23 24.81 -2.04
CA VAL A 43 2.31 25.67 -3.22
C VAL A 43 1.76 27.08 -3.00
N CYS A 44 2.49 28.10 -3.46
CA CYS A 44 2.03 29.48 -3.38
C CYS A 44 1.77 30.10 -4.75
N ALA A 45 0.86 31.08 -4.79
CA ALA A 45 0.82 32.00 -5.92
C ALA A 45 1.77 33.13 -5.60
N ALA A 46 2.37 33.72 -6.63
CA ALA A 46 3.31 34.81 -6.46
C ALA A 46 3.34 35.72 -7.69
N TYR A 47 3.73 36.97 -7.46
CA TYR A 47 3.96 37.88 -8.57
C TYR A 47 5.46 37.90 -8.89
N ASP A 48 5.78 37.58 -10.13
CA ASP A 48 7.15 37.60 -10.64
C ASP A 48 7.44 38.98 -11.26
N ALA A 49 8.21 39.80 -10.55
CA ALA A 49 8.46 41.18 -10.98
C ALA A 49 9.35 41.28 -12.22
N VAL A 50 10.16 40.26 -12.47
CA VAL A 50 11.00 40.23 -13.66
C VAL A 50 10.16 40.00 -14.92
N LEU A 51 9.21 39.06 -14.84
CA LEU A 51 8.37 38.70 -15.98
C LEU A 51 7.06 39.50 -16.08
N ASP A 52 6.73 40.25 -15.04
CA ASP A 52 5.44 40.94 -14.94
C ASP A 52 4.28 39.96 -15.12
N ARG A 53 4.29 38.87 -14.36
CA ARG A 53 3.20 37.90 -14.41
C ARG A 53 3.11 37.06 -13.15
N ASN A 54 1.90 36.57 -12.87
CA ASN A 54 1.68 35.70 -11.72
C ASN A 54 2.18 34.30 -12.01
N VAL A 55 2.81 33.69 -11.01
CA VAL A 55 3.36 32.34 -11.13
C VAL A 55 2.94 31.49 -9.94
N ALA A 56 3.19 30.19 -10.05
CA ALA A 56 3.00 29.31 -8.91
C ALA A 56 4.36 28.85 -8.44
N ILE A 57 4.54 28.77 -7.14
CA ILE A 57 5.81 28.32 -6.61
C ILE A 57 5.60 27.14 -5.70
N LYS A 58 6.27 26.04 -6.01
CA LYS A 58 6.18 24.83 -5.22
C LYS A 58 7.49 24.57 -4.47
N LYS A 59 7.38 24.44 -3.15
CA LYS A 59 8.51 24.07 -2.31
C LYS A 59 8.41 22.58 -2.08
N LEU A 60 9.42 21.81 -2.48
CA LEU A 60 9.28 20.35 -2.35
C LEU A 60 9.42 19.96 -0.90
N SER A 61 8.38 19.30 -0.42
CA SER A 61 8.26 18.90 0.98
C SER A 61 9.06 17.64 1.27
N ARG A 62 10.09 17.81 2.07
CA ARG A 62 10.98 16.72 2.47
C ARG A 62 11.39 15.78 1.32
N PRO A 63 12.10 16.33 0.32
CA PRO A 63 12.49 15.54 -0.85
C PRO A 63 13.50 14.45 -0.53
N PHE A 64 14.20 14.58 0.59
CA PHE A 64 15.23 13.61 0.95
C PHE A 64 14.84 12.68 2.08
N GLN A 65 13.57 12.74 2.49
CA GLN A 65 13.11 11.98 3.65
C GLN A 65 13.25 10.47 3.40
N ASN A 66 13.15 10.07 2.14
CA ASN A 66 13.41 8.68 1.73
C ASN A 66 13.62 8.58 0.22
N GLN A 67 13.89 7.38 -0.26
CA GLN A 67 14.24 7.15 -1.65
C GLN A 67 13.07 7.35 -2.57
N THR A 68 11.89 7.15 -2.04
CA THR A 68 10.66 7.33 -2.80
C THR A 68 10.46 8.80 -3.10
N HIS A 69 10.59 9.62 -2.07
CA HIS A 69 10.51 11.07 -2.22
C HIS A 69 11.58 11.59 -3.18
N ALA A 70 12.79 11.07 -3.05
CA ALA A 70 13.92 11.55 -3.83
C ALA A 70 13.74 11.23 -5.31
N LYS A 71 13.41 9.97 -5.59
CA LYS A 71 13.18 9.53 -6.97
C LYS A 71 12.05 10.33 -7.61
N ARG A 72 10.98 10.57 -6.86
CA ARG A 72 9.84 11.31 -7.40
C ARG A 72 10.27 12.75 -7.74
N ALA A 73 10.97 13.38 -6.81
CA ALA A 73 11.46 14.74 -7.01
C ALA A 73 12.38 14.83 -8.23
N TYR A 74 13.33 13.89 -8.35
CA TYR A 74 14.25 13.90 -9.47
C TYR A 74 13.50 13.75 -10.78
N ARG A 75 12.59 12.77 -10.81
CA ARG A 75 11.83 12.44 -12.00
C ARG A 75 10.96 13.62 -12.42
N GLU A 76 10.28 14.23 -11.46
CA GLU A 76 9.43 15.38 -11.71
C GLU A 76 10.24 16.53 -12.32
N LEU A 77 11.42 16.75 -11.78
CA LEU A 77 12.28 17.84 -12.20
C LEU A 77 12.79 17.66 -13.63
N VAL A 78 13.25 16.46 -13.93
CA VAL A 78 13.81 16.13 -15.22
C VAL A 78 12.74 16.14 -16.31
N LEU A 79 11.61 15.52 -16.03
CA LEU A 79 10.50 15.46 -16.99
C LEU A 79 9.86 16.82 -17.26
N MET A 80 9.70 17.62 -16.22
CA MET A 80 9.02 18.90 -16.36
C MET A 80 9.93 19.84 -17.14
N LYS A 81 11.24 19.58 -17.05
CA LYS A 81 12.23 20.28 -17.85
C LYS A 81 12.11 19.84 -19.30
N CYS A 82 12.11 18.53 -19.51
CA CYS A 82 12.17 17.96 -20.85
C CYS A 82 10.90 18.19 -21.67
N VAL A 83 9.74 17.94 -21.06
CA VAL A 83 8.49 18.01 -21.78
C VAL A 83 8.09 19.46 -22.07
N ASN A 84 7.62 19.71 -23.29
CA ASN A 84 7.11 21.02 -23.67
C ASN A 84 5.82 20.87 -24.44
N HIS A 85 4.70 20.76 -23.73
CA HIS A 85 3.40 20.57 -24.36
C HIS A 85 2.38 21.44 -23.63
N LYS A 86 1.41 21.98 -24.39
CA LYS A 86 0.49 22.97 -23.83
C LYS A 86 -0.47 22.40 -22.80
N ASN A 87 -0.64 21.08 -22.78
CA ASN A 87 -1.52 20.46 -21.79
C ASN A 87 -0.76 19.72 -20.68
N ILE A 88 0.53 20.00 -20.55
CA ILE A 88 1.35 19.55 -19.42
C ILE A 88 1.96 20.79 -18.73
N ILE A 89 1.86 20.89 -17.41
CA ILE A 89 2.42 22.05 -16.70
C ILE A 89 3.91 22.23 -17.05
N SER A 90 4.29 23.47 -17.33
CA SER A 90 5.67 23.76 -17.72
C SER A 90 6.45 24.46 -16.60
N LEU A 91 7.72 24.10 -16.50
CA LEU A 91 8.64 24.67 -15.54
C LEU A 91 9.20 26.02 -16.02
N LEU A 92 8.97 27.09 -15.25
CA LEU A 92 9.47 28.44 -15.60
C LEU A 92 10.87 28.68 -15.01
N ASN A 93 11.13 28.16 -13.84
CA ASN A 93 12.41 28.34 -13.15
C ASN A 93 12.55 27.33 -12.03
N VAL A 94 13.76 27.06 -11.59
CA VAL A 94 14.05 26.22 -10.45
C VAL A 94 15.19 26.81 -9.65
N PHE A 95 15.13 26.71 -8.35
CA PHE A 95 16.18 27.25 -7.52
C PHE A 95 16.23 26.65 -6.15
N THR A 96 17.39 26.71 -5.54
CA THR A 96 17.60 26.44 -4.12
C THR A 96 18.25 27.65 -3.49
N PRO A 97 17.85 27.99 -2.24
CA PRO A 97 18.49 29.13 -1.56
C PRO A 97 19.86 28.75 -1.01
N GLN A 98 20.16 27.45 -0.90
CA GLN A 98 21.43 27.02 -0.32
C GLN A 98 22.56 27.09 -1.35
N LYS A 99 23.78 27.32 -0.86
CA LYS A 99 24.90 27.66 -1.74
C LYS A 99 25.76 26.46 -2.11
N THR A 100 25.71 25.41 -1.30
CA THR A 100 26.53 24.23 -1.54
C THR A 100 25.74 22.94 -1.48
N LEU A 101 26.29 21.89 -2.07
CA LEU A 101 25.69 20.56 -1.98
C LEU A 101 25.56 20.10 -0.52
N GLU A 102 26.54 20.42 0.31
CA GLU A 102 26.51 19.96 1.69
C GLU A 102 25.39 20.64 2.49
N GLU A 103 25.17 21.92 2.23
CA GLU A 103 24.09 22.65 2.88
C GLU A 103 22.74 22.50 2.15
N PHE A 104 22.77 22.02 0.91
CA PHE A 104 21.58 21.88 0.07
C PHE A 104 20.46 21.22 0.80
N GLN A 105 19.32 21.89 0.91
CA GLN A 105 18.16 21.28 1.53
C GLN A 105 16.85 21.36 0.73
N ASP A 106 16.54 22.50 0.17
CA ASP A 106 15.25 22.77 -0.38
C ASP A 106 15.26 23.01 -1.88
N VAL A 107 14.17 22.66 -2.52
CA VAL A 107 14.04 22.86 -3.93
C VAL A 107 12.79 23.63 -4.19
N TYR A 108 12.88 24.68 -4.97
CA TYR A 108 11.70 25.44 -5.35
C TYR A 108 11.44 25.33 -6.86
N LEU A 109 10.21 24.97 -7.22
CA LEU A 109 9.77 24.92 -8.61
C LEU A 109 8.85 26.09 -8.92
N VAL A 110 9.13 26.81 -10.00
CA VAL A 110 8.26 27.91 -10.40
C VAL A 110 7.56 27.53 -11.69
N MET A 111 6.25 27.57 -11.66
CA MET A 111 5.41 27.16 -12.78
C MET A 111 4.39 28.21 -13.15
N GLU A 112 3.67 28.04 -14.24
CA GLU A 112 2.65 28.99 -14.58
C GLU A 112 1.50 28.86 -13.62
N LEU A 113 0.87 29.98 -13.27
CA LEU A 113 -0.22 29.96 -12.32
C LEU A 113 -1.53 29.63 -13.00
N MET A 114 -2.17 28.54 -12.58
CA MET A 114 -3.47 28.17 -13.13
C MET A 114 -4.56 28.63 -12.17
N ASP A 115 -5.82 28.63 -12.61
CA ASP A 115 -6.90 29.23 -11.81
C ASP A 115 -7.62 28.25 -10.85
N ALA A 116 -7.70 26.97 -11.19
CA ALA A 116 -8.44 25.98 -10.41
C ALA A 116 -8.01 24.57 -10.78
N ASN A 117 -8.19 23.59 -9.92
CA ASN A 117 -7.97 22.22 -10.37
C ASN A 117 -9.33 21.64 -10.78
N LEU A 118 -9.33 20.43 -11.35
CA LEU A 118 -10.58 19.89 -11.88
C LEU A 118 -11.64 19.61 -10.82
N CYS A 119 -11.21 19.41 -9.58
CA CYS A 119 -12.13 19.14 -8.48
C CYS A 119 -13.19 20.23 -8.38
N GLN A 120 -12.79 21.46 -8.73
CA GLN A 120 -13.72 22.58 -8.71
C GLN A 120 -14.62 22.59 -9.94
N VAL A 121 -13.99 22.47 -11.11
CA VAL A 121 -14.72 22.46 -12.36
C VAL A 121 -15.74 21.34 -12.43
N ILE A 122 -15.38 20.18 -11.92
CA ILE A 122 -16.26 19.02 -11.91
C ILE A 122 -17.60 19.28 -11.25
N GLN A 123 -17.59 20.19 -10.29
CA GLN A 123 -18.80 20.56 -9.56
C GLN A 123 -19.75 21.46 -10.38
N MET A 124 -19.26 22.03 -11.47
CA MET A 124 -20.06 22.96 -12.28
C MET A 124 -21.13 22.18 -13.05
N GLU A 125 -22.20 22.87 -13.42
CA GLU A 125 -23.28 22.23 -14.16
C GLU A 125 -22.76 21.86 -15.55
N LEU A 126 -23.12 20.65 -15.98
CA LEU A 126 -22.62 20.04 -17.20
C LEU A 126 -22.87 20.92 -18.43
N ASP A 127 -21.80 21.16 -19.19
CA ASP A 127 -21.89 21.90 -20.42
C ASP A 127 -21.13 21.07 -21.44
N HIS A 128 -21.78 20.66 -22.52
CA HIS A 128 -21.11 19.78 -23.50
C HIS A 128 -19.88 20.43 -24.14
N GLU A 129 -19.95 21.71 -24.45
CA GLU A 129 -18.79 22.41 -25.01
C GLU A 129 -17.61 22.34 -24.04
N ARG A 130 -17.86 22.73 -22.81
CA ARG A 130 -16.83 22.67 -21.79
C ARG A 130 -16.32 21.24 -21.58
N MET A 131 -17.24 20.30 -21.39
CA MET A 131 -16.79 18.95 -21.03
C MET A 131 -15.96 18.32 -22.15
N SER A 132 -16.44 18.42 -23.39
CA SER A 132 -15.72 17.82 -24.50
C SER A 132 -14.36 18.50 -24.67
N TYR A 133 -14.31 19.81 -24.46
CA TYR A 133 -13.03 20.51 -24.58
C TYR A 133 -12.04 20.11 -23.48
N LEU A 134 -12.51 19.95 -22.26
CA LEU A 134 -11.62 19.53 -21.21
C LEU A 134 -11.11 18.11 -21.50
N LEU A 135 -12.00 17.26 -21.97
CA LEU A 135 -11.64 15.87 -22.19
C LEU A 135 -10.64 15.79 -23.35
N TYR A 136 -10.89 16.57 -24.39
CA TYR A 136 -9.98 16.67 -25.53
C TYR A 136 -8.57 17.04 -25.09
N GLN A 137 -8.46 18.06 -24.24
CA GLN A 137 -7.15 18.50 -23.79
C GLN A 137 -6.45 17.46 -22.92
N MET A 138 -7.19 16.79 -22.03
CA MET A 138 -6.62 15.72 -21.24
C MET A 138 -6.06 14.65 -22.15
N LEU A 139 -6.83 14.30 -23.17
CA LEU A 139 -6.40 13.26 -24.10
C LEU A 139 -5.15 13.67 -24.86
N CYS A 140 -5.07 14.95 -25.24
CA CYS A 140 -3.86 15.45 -25.91
C CYS A 140 -2.63 15.33 -25.00
N GLY A 141 -2.79 15.70 -23.74
CA GLY A 141 -1.68 15.61 -22.79
C GLY A 141 -1.24 14.16 -22.57
N ILE A 142 -2.21 13.30 -22.41
CA ILE A 142 -1.93 11.88 -22.16
C ILE A 142 -1.25 11.23 -23.37
N LYS A 143 -1.71 11.60 -24.56
CA LYS A 143 -1.12 11.10 -25.79
C LYS A 143 0.34 11.47 -25.81
N HIS A 144 0.63 12.70 -25.42
CA HIS A 144 2.01 13.19 -25.47
C HIS A 144 2.89 12.47 -24.46
N LEU A 145 2.38 12.30 -23.25
CA LEU A 145 3.11 11.54 -22.23
C LEU A 145 3.39 10.11 -22.70
N HIS A 146 2.36 9.46 -23.22
CA HIS A 146 2.50 8.08 -23.67
C HIS A 146 3.57 7.96 -24.76
N SER A 147 3.61 8.94 -25.65
CA SER A 147 4.57 8.86 -26.75
C SER A 147 5.99 8.87 -26.20
N ALA A 148 6.16 9.49 -25.03
CA ALA A 148 7.48 9.51 -24.36
C ALA A 148 7.71 8.31 -23.45
N GLY A 149 6.79 7.35 -23.44
CA GLY A 149 6.94 6.19 -22.57
C GLY A 149 6.46 6.45 -21.16
N ILE A 150 5.74 7.52 -20.97
CA ILE A 150 5.20 7.86 -19.70
C ILE A 150 3.73 7.48 -19.57
N ILE A 151 3.49 6.49 -18.74
CA ILE A 151 2.18 5.97 -18.48
C ILE A 151 1.80 6.29 -17.06
N HIS A 152 0.83 7.16 -16.92
CA HIS A 152 0.63 7.92 -15.72
C HIS A 152 0.19 7.09 -14.55
N ARG A 153 -0.89 6.37 -14.75
CA ARG A 153 -1.47 5.50 -13.75
C ARG A 153 -2.08 6.06 -12.57
N ASP A 154 -1.94 7.36 -12.38
CA ASP A 154 -2.62 8.03 -11.29
C ASP A 154 -3.26 9.35 -11.64
N LEU A 155 -3.89 9.40 -12.79
CA LEU A 155 -4.64 10.61 -13.15
C LEU A 155 -5.86 10.76 -12.26
N LYS A 156 -6.08 11.97 -11.79
CA LYS A 156 -7.19 12.24 -10.89
C LYS A 156 -7.47 13.75 -10.95
N PRO A 157 -8.70 14.17 -10.60
CA PRO A 157 -9.04 15.60 -10.72
C PRO A 157 -8.08 16.55 -10.00
N SER A 158 -7.52 16.12 -8.86
CA SER A 158 -6.68 17.01 -8.06
C SER A 158 -5.32 17.30 -8.69
N ASN A 159 -4.88 16.48 -9.64
CA ASN A 159 -3.60 16.76 -10.29
C ASN A 159 -3.79 17.20 -11.74
N ILE A 160 -4.95 17.78 -12.01
CA ILE A 160 -5.24 18.42 -13.29
C ILE A 160 -5.78 19.83 -13.04
N VAL A 161 -5.21 20.82 -13.72
CA VAL A 161 -5.55 22.21 -13.45
C VAL A 161 -6.04 22.94 -14.69
N VAL A 162 -6.77 24.02 -14.48
CA VAL A 162 -7.33 24.77 -15.58
C VAL A 162 -7.31 26.29 -15.39
N LYS A 163 -7.36 27.01 -16.49
CA LYS A 163 -7.49 28.44 -16.47
C LYS A 163 -8.95 28.85 -16.63
N SER A 164 -9.25 30.09 -16.33
CA SER A 164 -10.59 30.63 -16.43
C SER A 164 -11.21 30.41 -17.79
N ASP A 165 -10.37 30.36 -18.79
CA ASP A 165 -10.79 30.07 -20.15
C ASP A 165 -10.89 28.58 -20.52
N CYS A 166 -10.82 27.70 -19.56
CA CYS A 166 -10.94 26.26 -19.80
C CYS A 166 -9.72 25.55 -20.41
N THR A 167 -8.64 26.26 -20.59
CA THR A 167 -7.39 25.67 -20.99
C THR A 167 -6.89 24.80 -19.84
N LEU A 168 -6.32 23.67 -20.16
CA LEU A 168 -6.09 22.63 -19.16
C LEU A 168 -4.67 22.08 -19.20
N LYS A 169 -4.12 21.76 -18.04
CA LYS A 169 -2.77 21.18 -17.97
C LYS A 169 -2.72 20.05 -16.92
N ILE A 170 -2.04 18.96 -17.27
CA ILE A 170 -1.76 17.90 -16.29
C ILE A 170 -0.56 18.33 -15.45
N LEU A 171 -0.64 18.12 -14.14
CA LEU A 171 0.35 18.64 -13.21
C LEU A 171 1.60 17.79 -13.01
N ASP A 172 1.43 16.47 -13.15
CA ASP A 172 2.52 15.56 -12.77
C ASP A 172 2.57 14.36 -13.71
N PHE A 173 3.47 13.43 -13.40
CA PHE A 173 3.78 12.36 -14.34
C PHE A 173 3.49 10.97 -13.83
N GLY A 174 2.77 10.94 -12.73
CA GLY A 174 2.35 9.71 -12.17
C GLY A 174 3.56 8.94 -11.75
N LEU A 175 3.50 7.67 -12.01
CA LEU A 175 4.39 6.73 -11.41
C LEU A 175 5.58 6.30 -12.25
N VAL A 190 -4.49 9.77 0.20
CA VAL A 190 -4.39 9.39 -1.21
C VAL A 190 -5.73 8.90 -1.73
N THR A 191 -6.13 9.44 -2.88
CA THR A 191 -7.38 9.03 -3.52
C THR A 191 -7.16 7.97 -4.61
N ARG A 192 -7.83 6.83 -4.43
CA ARG A 192 -7.62 5.69 -5.30
C ARG A 192 -8.81 5.38 -6.24
N TYR A 193 -9.84 6.23 -6.20
CA TYR A 193 -11.09 6.02 -6.93
C TYR A 193 -10.98 5.97 -8.46
N TYR A 194 -9.84 6.45 -8.99
CA TYR A 194 -9.66 6.65 -10.43
C TYR A 194 -8.74 5.58 -11.01
N ARG A 195 -8.26 4.67 -10.17
CA ARG A 195 -7.34 3.64 -10.63
C ARG A 195 -8.03 2.51 -11.38
N ALA A 196 -7.40 2.01 -12.44
CA ALA A 196 -8.01 1.01 -13.32
C ALA A 196 -8.10 -0.37 -12.66
N PRO A 197 -9.07 -1.19 -13.07
CA PRO A 197 -9.16 -2.55 -12.57
C PRO A 197 -7.85 -3.33 -12.68
N GLU A 198 -7.14 -3.20 -13.80
CA GLU A 198 -5.92 -3.97 -13.96
C GLU A 198 -4.87 -3.55 -12.94
N VAL A 199 -4.94 -2.30 -12.47
CA VAL A 199 -4.03 -1.82 -11.44
C VAL A 199 -4.43 -2.34 -10.07
N ILE A 200 -5.73 -2.21 -9.77
CA ILE A 200 -6.29 -2.70 -8.51
C ILE A 200 -6.05 -4.20 -8.34
N LEU A 201 -6.23 -4.94 -9.43
CA LEU A 201 -6.18 -6.39 -9.36
C LEU A 201 -4.80 -6.95 -9.68
N GLY A 202 -3.85 -6.06 -9.95
CA GLY A 202 -2.46 -6.45 -10.21
C GLY A 202 -2.23 -7.29 -11.46
N MET A 203 -2.81 -6.86 -12.57
CA MET A 203 -2.74 -7.63 -13.81
C MET A 203 -1.63 -7.15 -14.72
N GLY A 204 -0.98 -6.07 -14.35
CA GLY A 204 -0.14 -5.38 -15.31
C GLY A 204 -1.03 -4.46 -16.12
N TYR A 205 -0.43 -3.55 -16.89
CA TYR A 205 -1.19 -2.51 -17.58
C TYR A 205 -0.58 -2.18 -18.93
N LYS A 206 -1.37 -1.53 -19.79
CA LYS A 206 -0.86 -0.88 -20.99
C LYS A 206 -1.25 0.60 -21.03
N GLU A 207 -0.99 1.25 -22.16
CA GLU A 207 -1.28 2.68 -22.26
C GLU A 207 -2.72 3.01 -21.93
N ASN A 208 -3.67 2.16 -22.29
CA ASN A 208 -5.07 2.58 -22.06
C ASN A 208 -5.51 2.39 -20.59
N VAL A 209 -4.57 2.05 -19.72
CA VAL A 209 -4.84 2.11 -18.29
C VAL A 209 -5.25 3.55 -17.91
N ASP A 210 -4.71 4.54 -18.61
CA ASP A 210 -5.02 5.93 -18.30
C ASP A 210 -6.41 6.33 -18.79
N ILE A 211 -6.95 5.60 -19.76
CA ILE A 211 -8.30 5.89 -20.29
C ILE A 211 -9.38 5.60 -19.25
N TRP A 212 -9.17 4.55 -18.46
CA TRP A 212 -10.13 4.26 -17.40
C TRP A 212 -10.23 5.48 -16.48
N SER A 213 -9.08 6.06 -16.13
CA SER A 213 -9.09 7.21 -15.22
C SER A 213 -9.85 8.39 -15.85
N VAL A 214 -9.66 8.60 -17.16
CA VAL A 214 -10.41 9.67 -17.84
C VAL A 214 -11.91 9.40 -17.75
N GLY A 215 -12.27 8.13 -17.92
CA GLY A 215 -13.64 7.71 -17.85
C GLY A 215 -14.25 7.98 -16.49
N CYS A 216 -13.49 7.70 -15.43
CA CYS A 216 -13.99 8.00 -14.07
C CYS A 216 -14.22 9.49 -13.88
N ILE A 217 -13.31 10.31 -14.41
CA ILE A 217 -13.43 11.78 -14.30
C ILE A 217 -14.65 12.27 -15.07
N MET A 218 -14.83 11.75 -16.29
CA MET A 218 -15.99 12.11 -17.11
C MET A 218 -17.30 11.69 -16.45
N GLY A 219 -17.33 10.50 -15.87
CA GLY A 219 -18.52 10.01 -15.23
C GLY A 219 -18.88 10.90 -14.05
N GLU A 220 -17.86 11.43 -13.41
CA GLU A 220 -18.03 12.32 -12.25
C GLU A 220 -18.48 13.74 -12.65
N MET A 221 -18.03 14.20 -13.82
CA MET A 221 -18.48 15.48 -14.37
C MET A 221 -19.97 15.43 -14.66
N VAL A 222 -20.45 14.25 -15.04
CA VAL A 222 -21.87 14.04 -15.34
C VAL A 222 -22.72 13.87 -14.06
N ARG A 223 -22.26 13.01 -13.15
CA ARG A 223 -23.10 12.67 -12.00
C ARG A 223 -22.89 13.60 -10.79
N HIS A 224 -21.73 14.28 -10.77
CA HIS A 224 -21.30 15.05 -9.60
C HIS A 224 -21.23 14.15 -8.40
N LYS A 225 -20.80 12.92 -8.65
CA LYS A 225 -20.60 11.94 -7.58
C LYS A 225 -19.41 11.13 -7.98
N ILE A 226 -18.64 10.67 -7.00
CA ILE A 226 -17.54 9.77 -7.32
C ILE A 226 -18.12 8.47 -7.84
N LEU A 227 -17.67 8.02 -9.01
CA LEU A 227 -18.20 6.80 -9.61
C LEU A 227 -17.96 5.56 -8.76
N PHE A 228 -16.70 5.36 -8.36
CA PHE A 228 -16.33 4.15 -7.64
C PHE A 228 -15.69 4.50 -6.28
N PRO A 229 -16.52 4.99 -5.37
CA PRO A 229 -15.98 5.37 -4.06
C PRO A 229 -15.76 4.10 -3.24
N GLY A 230 -15.15 4.23 -2.09
CA GLY A 230 -14.81 3.05 -1.36
C GLY A 230 -13.71 3.26 -0.38
N ARG A 231 -13.91 2.73 0.81
CA ARG A 231 -12.95 2.84 1.87
C ARG A 231 -11.68 2.15 1.49
N ASP A 232 -11.80 1.08 0.72
CA ASP A 232 -10.69 0.29 0.28
C ASP A 232 -10.94 -0.39 -1.08
N TYR A 233 -9.98 -1.14 -1.58
CA TYR A 233 -10.11 -1.76 -2.90
C TYR A 233 -11.26 -2.77 -2.92
N ILE A 234 -11.51 -3.43 -1.79
CA ILE A 234 -12.62 -4.37 -1.73
C ILE A 234 -13.92 -3.62 -1.99
N ASP A 235 -14.10 -2.51 -1.28
CA ASP A 235 -15.27 -1.68 -1.49
C ASP A 235 -15.34 -1.16 -2.91
N GLN A 236 -14.19 -0.69 -3.41
CA GLN A 236 -14.13 -0.12 -4.74
C GLN A 236 -14.52 -1.14 -5.79
N TRP A 237 -13.96 -2.34 -5.70
CA TRP A 237 -14.28 -3.38 -6.66
C TRP A 237 -15.76 -3.72 -6.65
N ASN A 238 -16.37 -3.73 -5.46
CA ASN A 238 -17.81 -3.98 -5.39
C ASN A 238 -18.62 -2.93 -6.17
N LYS A 239 -18.23 -1.66 -6.05
CA LYS A 239 -18.91 -0.58 -6.79
C LYS A 239 -18.72 -0.75 -8.28
N VAL A 240 -17.56 -1.27 -8.67
CA VAL A 240 -17.30 -1.48 -10.09
C VAL A 240 -18.23 -2.57 -10.64
N ILE A 241 -18.33 -3.72 -9.96
CA ILE A 241 -19.14 -4.79 -10.52
C ILE A 241 -20.64 -4.50 -10.36
N GLU A 242 -21.02 -3.79 -9.31
CA GLU A 242 -22.44 -3.48 -9.11
C GLU A 242 -22.95 -2.58 -10.24
N GLN A 243 -22.09 -1.70 -10.72
CA GLN A 243 -22.53 -0.73 -11.71
C GLN A 243 -22.23 -1.21 -13.13
N LEU A 244 -21.06 -1.81 -13.33
CA LEU A 244 -20.66 -2.22 -14.68
C LEU A 244 -20.92 -3.70 -14.95
N GLY A 245 -21.11 -4.48 -13.90
CA GLY A 245 -21.38 -5.91 -14.06
C GLY A 245 -20.15 -6.77 -13.89
N THR A 246 -20.36 -8.00 -13.43
CA THR A 246 -19.31 -8.97 -13.29
C THR A 246 -18.56 -9.18 -14.62
N PRO A 247 -17.23 -9.14 -14.59
CA PRO A 247 -16.48 -9.31 -15.84
C PRO A 247 -16.62 -10.71 -16.45
N CYS A 248 -16.34 -10.78 -17.75
CA CYS A 248 -16.41 -11.96 -18.61
C CYS A 248 -15.34 -13.01 -18.31
N PRO A 249 -15.57 -14.27 -18.73
CA PRO A 249 -14.54 -15.32 -18.58
C PRO A 249 -13.19 -14.95 -19.23
N GLU A 250 -13.23 -14.25 -20.36
CA GLU A 250 -12.02 -13.78 -21.02
C GLU A 250 -11.15 -13.03 -20.02
N PHE A 251 -11.75 -12.03 -19.39
CA PHE A 251 -11.06 -11.25 -18.37
C PHE A 251 -10.61 -12.10 -17.18
N MET A 252 -11.50 -12.96 -16.69
CA MET A 252 -11.21 -13.78 -15.53
C MET A 252 -9.95 -14.63 -15.75
N LYS A 253 -9.86 -15.22 -16.94
CA LYS A 253 -8.77 -16.14 -17.25
C LYS A 253 -7.42 -15.41 -17.24
N LYS A 254 -7.46 -14.09 -17.35
CA LYS A 254 -6.24 -13.30 -17.35
C LYS A 254 -5.79 -12.94 -15.92
N LEU A 255 -6.59 -13.31 -14.92
CA LEU A 255 -6.21 -13.08 -13.51
C LEU A 255 -5.36 -14.20 -12.96
N GLN A 256 -4.49 -13.88 -11.99
CA GLN A 256 -3.82 -14.89 -11.19
C GLN A 256 -4.87 -15.78 -10.60
N PRO A 257 -4.60 -17.09 -10.49
CA PRO A 257 -5.56 -18.04 -9.92
C PRO A 257 -6.07 -17.58 -8.55
N THR A 258 -5.17 -17.09 -7.72
CA THR A 258 -5.54 -16.69 -6.37
C THR A 258 -6.46 -15.47 -6.37
N VAL A 259 -6.16 -14.50 -7.22
CA VAL A 259 -7.00 -13.32 -7.36
C VAL A 259 -8.33 -13.72 -7.97
N ARG A 260 -8.23 -14.56 -8.99
CA ARG A 260 -9.34 -15.10 -9.73
C ARG A 260 -10.37 -15.64 -8.80
N ASN A 261 -9.93 -16.36 -7.79
CA ASN A 261 -10.85 -16.98 -6.88
C ASN A 261 -11.71 -16.01 -6.09
N TYR A 262 -11.13 -14.93 -5.58
CA TYR A 262 -11.90 -13.91 -4.90
C TYR A 262 -12.94 -13.25 -5.81
N VAL A 263 -12.49 -12.87 -6.97
CA VAL A 263 -13.34 -12.14 -7.91
C VAL A 263 -14.50 -13.02 -8.36
N GLU A 264 -14.21 -14.29 -8.61
CA GLU A 264 -15.25 -15.20 -9.05
C GLU A 264 -16.23 -15.58 -7.95
N ASN A 265 -15.82 -15.46 -6.70
CA ASN A 265 -16.71 -15.82 -5.60
C ASN A 265 -17.65 -14.67 -5.16
N ARG A 266 -17.41 -13.45 -5.66
CA ARG A 266 -18.35 -12.35 -5.46
C ARG A 266 -19.70 -12.69 -6.04
N PRO A 267 -20.78 -12.08 -5.51
CA PRO A 267 -22.09 -12.22 -6.14
C PRO A 267 -22.04 -11.74 -7.58
N LYS A 268 -22.74 -12.43 -8.49
CA LYS A 268 -22.74 -12.08 -9.90
C LYS A 268 -23.67 -10.91 -10.14
N TYR A 269 -23.17 -9.82 -10.74
CA TYR A 269 -24.05 -8.72 -11.10
C TYR A 269 -24.22 -8.60 -12.59
N ALA A 270 -25.45 -8.39 -13.05
CA ALA A 270 -25.60 -7.87 -14.39
C ALA A 270 -25.29 -6.41 -14.18
N GLY A 271 -24.62 -5.81 -15.13
CA GLY A 271 -24.33 -4.39 -15.00
C GLY A 271 -25.58 -3.54 -15.06
N LEU A 272 -25.51 -2.34 -14.50
CA LEU A 272 -26.49 -1.35 -14.91
C LEU A 272 -26.09 -0.97 -16.34
N THR A 273 -27.05 -0.86 -17.23
CA THR A 273 -26.77 -0.36 -18.57
C THR A 273 -26.29 1.08 -18.44
N PHE A 274 -25.56 1.56 -19.43
CA PHE A 274 -25.09 2.94 -19.36
C PHE A 274 -26.24 3.95 -19.40
N PRO A 275 -27.36 3.64 -20.10
CA PRO A 275 -28.47 4.59 -19.95
C PRO A 275 -28.97 4.73 -18.50
N LYS A 276 -28.90 3.65 -17.71
CA LYS A 276 -29.33 3.70 -16.32
C LYS A 276 -28.27 4.34 -15.43
N LEU A 277 -27.01 4.08 -15.78
CA LEU A 277 -25.87 4.66 -15.07
C LEU A 277 -25.78 6.15 -15.30
N PHE A 278 -26.05 6.57 -16.52
CA PHE A 278 -25.95 7.98 -16.92
C PHE A 278 -27.20 8.38 -17.64
N PRO A 279 -28.32 8.47 -16.92
CA PRO A 279 -29.59 8.72 -17.58
C PRO A 279 -29.72 10.12 -18.16
N ASP A 280 -30.74 10.30 -19.00
CA ASP A 280 -30.97 11.57 -19.68
C ASP A 280 -31.18 12.69 -18.66
N SER A 281 -31.70 12.32 -17.49
CA SER A 281 -31.98 13.29 -16.43
C SER A 281 -30.74 14.09 -16.00
N LEU A 282 -29.55 13.55 -16.28
CA LEU A 282 -28.30 14.20 -15.90
C LEU A 282 -27.73 15.14 -16.96
N PHE A 283 -28.33 15.13 -18.14
CA PHE A 283 -27.81 15.92 -19.25
C PHE A 283 -28.74 17.06 -19.58
N PRO A 284 -28.18 18.16 -20.14
CA PRO A 284 -28.99 19.24 -20.68
C PRO A 284 -30.11 18.70 -21.58
N ALA A 285 -31.31 19.24 -21.42
CA ALA A 285 -32.47 18.65 -22.09
C ALA A 285 -33.14 19.58 -23.09
N ASP A 286 -34.09 19.00 -23.83
CA ASP A 286 -35.05 19.73 -24.65
C ASP A 286 -34.53 20.58 -25.82
N SER A 287 -33.41 20.19 -26.40
CA SER A 287 -33.07 20.67 -27.76
C SER A 287 -32.58 19.45 -28.52
N GLU A 288 -32.53 19.57 -29.84
CA GLU A 288 -32.03 18.49 -30.70
C GLU A 288 -30.54 18.32 -30.46
N HIS A 289 -29.83 19.42 -30.41
CA HIS A 289 -28.40 19.41 -30.13
C HIS A 289 -28.11 18.70 -28.81
N ASN A 290 -28.92 19.00 -27.80
CA ASN A 290 -28.74 18.39 -26.48
C ASN A 290 -29.02 16.89 -26.49
N LYS A 291 -30.05 16.47 -27.23
CA LYS A 291 -30.31 15.03 -27.37
C LYS A 291 -29.12 14.37 -28.04
N LEU A 292 -28.63 15.01 -29.10
CA LEU A 292 -27.50 14.46 -29.84
C LEU A 292 -26.32 14.26 -28.90
N LYS A 293 -25.98 15.30 -28.15
CA LYS A 293 -24.77 15.28 -27.34
C LYS A 293 -24.87 14.31 -26.14
N ALA A 294 -26.06 14.14 -25.59
CA ALA A 294 -26.20 13.24 -24.45
C ALA A 294 -25.88 11.80 -24.88
N SER A 295 -26.39 11.43 -26.04
CA SER A 295 -26.14 10.07 -26.55
C SER A 295 -24.67 9.88 -26.93
N GLN A 296 -24.05 10.90 -27.51
CA GLN A 296 -22.63 10.82 -27.84
C GLN A 296 -21.77 10.72 -26.59
N ALA A 297 -22.11 11.49 -25.57
CA ALA A 297 -21.34 11.46 -24.33
C ALA A 297 -21.47 10.09 -23.68
N ARG A 298 -22.69 9.56 -23.66
CA ARG A 298 -22.91 8.24 -23.07
C ARG A 298 -22.16 7.17 -23.87
N ASP A 299 -22.10 7.33 -25.19
CA ASP A 299 -21.41 6.36 -26.02
C ASP A 299 -19.93 6.32 -25.67
N LEU A 300 -19.33 7.48 -25.48
CA LEU A 300 -17.94 7.57 -25.09
C LEU A 300 -17.67 6.99 -23.70
N LEU A 301 -18.52 7.30 -22.76
CA LEU A 301 -18.41 6.69 -21.45
C LEU A 301 -18.43 5.17 -21.58
N SER A 302 -19.32 4.67 -22.39
CA SER A 302 -19.46 3.24 -22.58
C SER A 302 -18.20 2.62 -23.14
N LYS A 303 -17.33 3.39 -23.74
CA LYS A 303 -16.15 2.86 -24.37
C LYS A 303 -14.88 3.02 -23.53
N MET A 304 -14.95 3.93 -22.60
CA MET A 304 -13.89 4.18 -21.69
C MET A 304 -14.02 3.37 -20.40
N LEU A 305 -15.25 3.24 -19.91
CA LEU A 305 -15.49 2.57 -18.64
C LEU A 305 -15.72 1.08 -18.89
N VAL A 306 -14.65 0.42 -19.31
CA VAL A 306 -14.68 -0.97 -19.72
C VAL A 306 -13.64 -1.67 -18.85
N ILE A 307 -14.09 -2.65 -18.07
CA ILE A 307 -13.22 -3.31 -17.12
C ILE A 307 -12.03 -3.97 -17.82
N ASP A 308 -12.30 -4.74 -18.87
CA ASP A 308 -11.23 -5.47 -19.58
C ASP A 308 -10.46 -4.51 -20.49
N PRO A 309 -9.17 -4.28 -20.19
CA PRO A 309 -8.43 -3.30 -21.00
C PRO A 309 -8.29 -3.75 -22.45
N ALA A 310 -8.44 -5.02 -22.74
CA ALA A 310 -8.37 -5.47 -24.11
C ALA A 310 -9.51 -4.95 -24.93
N LYS A 311 -10.58 -4.52 -24.29
CA LYS A 311 -11.78 -4.08 -24.95
C LYS A 311 -12.05 -2.58 -24.79
N ARG A 312 -11.16 -1.91 -24.07
CA ARG A 312 -11.29 -0.53 -23.73
C ARG A 312 -10.70 0.32 -24.82
N ILE A 313 -11.36 1.40 -25.14
CA ILE A 313 -10.92 2.31 -26.17
C ILE A 313 -9.52 2.95 -25.90
N SER A 314 -8.77 3.17 -26.95
CA SER A 314 -7.47 3.78 -26.86
C SER A 314 -7.54 5.31 -26.83
N VAL A 315 -6.43 5.94 -26.52
CA VAL A 315 -6.33 7.37 -26.58
C VAL A 315 -6.57 7.89 -27.99
N ASP A 316 -5.85 7.31 -28.93
CA ASP A 316 -5.98 7.76 -30.32
C ASP A 316 -7.42 7.61 -30.82
N ASP A 317 -8.06 6.50 -30.48
CA ASP A 317 -9.45 6.30 -30.93
C ASP A 317 -10.41 7.23 -30.22
N ALA A 318 -10.14 7.53 -28.95
CA ALA A 318 -11.00 8.46 -28.23
C ALA A 318 -10.94 9.85 -28.86
N LEU A 319 -9.77 10.25 -29.32
CA LEU A 319 -9.60 11.53 -30.03
C LEU A 319 -10.36 11.56 -31.37
N GLN A 320 -10.67 10.37 -31.90
CA GLN A 320 -11.46 10.27 -33.13
C GLN A 320 -12.96 10.16 -32.86
N HIS A 321 -13.34 9.96 -31.61
CA HIS A 321 -14.75 9.85 -31.24
C HIS A 321 -15.50 11.17 -31.55
N PRO A 322 -16.72 11.08 -32.09
CA PRO A 322 -17.46 12.30 -32.47
C PRO A 322 -17.63 13.29 -31.30
N TYR A 323 -17.70 12.81 -30.07
CA TYR A 323 -17.87 13.74 -28.93
C TYR A 323 -16.62 14.60 -28.74
N ILE A 324 -15.48 14.06 -29.12
CA ILE A 324 -14.19 14.68 -28.85
C ILE A 324 -13.65 15.35 -30.11
N ASN A 325 -13.88 14.73 -31.27
CA ASN A 325 -13.12 15.05 -32.46
C ASN A 325 -13.45 16.42 -33.04
N VAL A 326 -14.52 17.05 -32.59
CA VAL A 326 -14.81 18.41 -33.01
C VAL A 326 -13.65 19.35 -32.69
N TRP A 327 -12.93 19.10 -31.61
CA TRP A 327 -11.81 19.99 -31.21
C TRP A 327 -10.47 19.68 -31.89
N TYR A 328 -10.43 18.55 -32.58
CA TYR A 328 -9.17 18.04 -33.11
C TYR A 328 -8.41 18.99 -34.02
N ASP A 329 -7.16 19.21 -33.65
CA ASP A 329 -6.20 20.02 -34.40
C ASP A 329 -4.87 19.28 -34.42
N PRO A 330 -4.40 18.87 -35.61
CA PRO A 330 -3.17 18.07 -35.73
C PRO A 330 -1.98 18.69 -35.01
N ALA A 331 -1.91 20.02 -35.00
CA ALA A 331 -0.78 20.71 -34.40
C ALA A 331 -0.76 20.54 -32.87
N GLU A 332 -1.91 20.24 -32.28
CA GLU A 332 -1.97 19.99 -30.84
C GLU A 332 -1.82 18.52 -30.48
N VAL A 333 -2.30 17.66 -31.38
CA VAL A 333 -2.36 16.23 -31.10
C VAL A 333 -1.07 15.53 -31.51
N GLU A 334 -0.50 15.94 -32.63
CA GLU A 334 0.56 15.23 -33.23
C GLU A 334 1.90 15.87 -33.11
N ALA A 335 2.17 16.46 -31.96
CA ALA A 335 3.48 17.00 -31.68
C ALA A 335 4.53 15.96 -31.47
N PRO A 336 5.77 16.28 -31.85
CA PRO A 336 6.87 15.31 -31.74
C PRO A 336 7.13 14.98 -30.27
N PRO A 337 7.43 13.74 -29.94
CA PRO A 337 7.66 13.36 -28.56
C PRO A 337 9.01 13.78 -28.06
N PRO A 338 9.11 13.94 -26.69
CA PRO A 338 10.44 14.32 -26.22
C PRO A 338 11.44 13.18 -26.18
N GLN A 339 12.69 13.54 -26.32
CA GLN A 339 13.78 12.60 -26.40
C GLN A 339 14.63 12.67 -25.15
N ILE A 340 14.33 11.82 -24.18
CA ILE A 340 15.06 11.82 -22.93
C ILE A 340 16.39 11.10 -23.06
N ASP A 346 14.43 5.35 -15.43
CA ASP A 346 13.56 5.49 -14.28
C ASP A 346 13.42 4.18 -13.50
N GLU A 347 14.34 3.24 -13.73
CA GLU A 347 14.32 2.00 -12.97
C GLU A 347 15.46 1.89 -11.95
N ARG A 348 16.53 2.67 -12.16
CA ARG A 348 17.69 2.62 -11.29
C ARG A 348 17.41 3.14 -9.87
N GLU A 349 18.01 2.48 -8.88
CA GLU A 349 17.90 2.92 -7.49
C GLU A 349 19.21 3.58 -7.05
N HIS A 350 19.13 4.47 -6.08
CA HIS A 350 20.31 5.14 -5.53
C HIS A 350 20.17 5.31 -4.03
N THR A 351 21.27 5.61 -3.36
CA THR A 351 21.20 6.01 -1.97
C THR A 351 20.58 7.40 -1.92
N ILE A 352 20.12 7.79 -0.74
CA ILE A 352 19.55 9.13 -0.55
C ILE A 352 20.60 10.19 -0.87
N GLU A 353 21.84 9.93 -0.46
CA GLU A 353 22.95 10.84 -0.73
C GLU A 353 23.21 11.01 -2.24
N GLU A 354 23.11 9.91 -2.97
CA GLU A 354 23.29 9.94 -4.42
C GLU A 354 22.17 10.71 -5.12
N TRP A 355 20.93 10.44 -4.73
CA TRP A 355 19.77 11.16 -5.30
C TRP A 355 19.90 12.65 -5.07
N LYS A 356 20.42 13.01 -3.93
CA LYS A 356 20.58 14.39 -3.53
C LYS A 356 21.53 15.16 -4.44
N GLU A 357 22.67 14.56 -4.72
CA GLU A 357 23.64 15.16 -5.63
C GLU A 357 23.06 15.23 -7.03
N LEU A 358 22.33 14.18 -7.41
CA LEU A 358 21.62 14.14 -8.67
C LEU A 358 20.65 15.30 -8.76
N ILE A 359 19.82 15.45 -7.73
CA ILE A 359 18.83 16.51 -7.75
C ILE A 359 19.53 17.87 -7.78
N TYR A 360 20.60 18.01 -6.99
CA TYR A 360 21.31 19.30 -6.88
C TYR A 360 21.86 19.78 -8.22
N LYS A 361 22.49 18.88 -8.97
CA LYS A 361 23.07 19.23 -10.26
C LYS A 361 21.95 19.59 -11.24
N GLU A 362 20.83 18.90 -11.09
CA GLU A 362 19.67 19.19 -11.92
C GLU A 362 19.17 20.61 -11.61
N VAL A 363 19.18 20.98 -10.32
CA VAL A 363 18.73 22.30 -9.89
C VAL A 363 19.69 23.38 -10.42
N MET A 364 20.96 23.10 -10.40
CA MET A 364 21.96 24.03 -10.86
C MET A 364 22.12 24.13 -12.38
N ASN A 365 21.34 23.36 -13.13
CA ASN A 365 21.31 23.42 -14.59
C ASN A 365 22.68 23.19 -15.20
N GLN B 12 -27.91 -2.79 25.91
CA GLN B 12 -27.12 -2.24 24.83
C GLN B 12 -26.55 -3.34 23.99
N PHE B 13 -26.84 -4.54 24.37
CA PHE B 13 -26.27 -5.72 23.74
C PHE B 13 -27.33 -6.58 23.07
N TYR B 14 -26.90 -7.47 22.19
CA TYR B 14 -27.76 -8.50 21.62
C TYR B 14 -26.96 -9.75 21.46
N SER B 15 -27.59 -10.90 21.35
CA SER B 15 -26.86 -12.16 21.24
C SER B 15 -27.08 -12.83 19.90
N VAL B 16 -26.05 -13.50 19.42
CA VAL B 16 -26.17 -14.23 18.18
C VAL B 16 -25.44 -15.53 18.31
N GLU B 17 -25.87 -16.54 17.58
CA GLU B 17 -25.22 -17.83 17.63
C GLU B 17 -24.14 -17.96 16.57
N VAL B 18 -22.97 -18.43 16.96
CA VAL B 18 -21.90 -18.62 16.01
C VAL B 18 -21.25 -19.95 16.25
N GLY B 19 -21.54 -20.90 15.39
CA GLY B 19 -21.18 -22.29 15.60
C GLY B 19 -21.71 -22.77 16.93
N ASP B 20 -20.86 -23.43 17.69
CA ASP B 20 -21.25 -23.94 18.97
C ASP B 20 -21.23 -22.83 20.00
N SER B 21 -21.07 -21.59 19.54
CA SER B 21 -20.92 -20.46 20.47
C SER B 21 -21.96 -19.35 20.28
N THR B 22 -22.12 -18.55 21.33
CA THR B 22 -23.01 -17.39 21.32
C THR B 22 -22.18 -16.15 21.52
N PHE B 23 -22.16 -15.25 20.56
CA PHE B 23 -21.53 -13.98 20.78
C PHE B 23 -22.57 -13.04 21.30
N THR B 24 -22.29 -12.37 22.38
CA THR B 24 -23.16 -11.30 22.87
C THR B 24 -22.42 -9.96 22.79
N VAL B 25 -22.87 -9.07 21.91
CA VAL B 25 -22.10 -7.89 21.56
C VAL B 25 -22.91 -6.60 21.52
N LEU B 26 -22.21 -5.46 21.55
CA LEU B 26 -22.84 -4.16 21.42
C LEU B 26 -23.63 -4.03 20.11
N LYS B 27 -24.73 -3.30 20.19
CA LYS B 27 -25.66 -3.19 19.07
C LYS B 27 -25.06 -2.48 17.86
N ARG B 28 -24.01 -1.70 18.08
CA ARG B 28 -23.34 -1.03 16.96
C ARG B 28 -22.76 -2.03 15.95
N TYR B 29 -22.44 -3.23 16.41
CA TYR B 29 -21.81 -4.24 15.58
C TYR B 29 -22.84 -5.10 14.91
N GLN B 30 -22.79 -5.15 13.59
CA GLN B 30 -23.83 -5.81 12.85
C GLN B 30 -23.41 -6.90 11.93
N ASN B 31 -24.35 -7.74 11.61
CA ASN B 31 -24.17 -8.84 10.70
C ASN B 31 -22.94 -9.66 10.96
N LEU B 32 -22.83 -10.18 12.18
CA LEU B 32 -21.73 -11.04 12.54
C LEU B 32 -21.63 -12.28 11.71
N LYS B 33 -20.47 -12.51 11.14
CA LYS B 33 -20.21 -13.77 10.48
C LYS B 33 -18.87 -14.32 10.88
N PRO B 34 -18.84 -15.62 11.16
CA PRO B 34 -17.60 -16.31 11.55
C PRO B 34 -16.64 -16.39 10.37
N ILE B 35 -15.41 -15.89 10.56
CA ILE B 35 -14.44 -15.88 9.51
C ILE B 35 -13.32 -16.84 9.77
N GLY B 36 -13.40 -17.50 10.90
CA GLY B 36 -12.48 -18.55 11.28
C GLY B 36 -12.33 -18.69 12.77
N SER B 37 -11.30 -19.40 13.20
CA SER B 37 -11.13 -19.63 14.62
C SER B 37 -9.65 -19.75 14.93
N GLY B 38 -9.30 -19.40 16.17
CA GLY B 38 -7.93 -19.46 16.64
C GLY B 38 -7.87 -20.23 17.93
N ALA B 39 -6.72 -20.21 18.60
CA ALA B 39 -6.57 -20.91 19.86
C ALA B 39 -7.55 -20.41 20.91
N GLN B 40 -7.81 -19.10 20.90
CA GLN B 40 -8.69 -18.48 21.87
C GLN B 40 -10.18 -18.59 21.53
N GLY B 41 -10.50 -19.00 20.31
CA GLY B 41 -11.90 -19.11 19.94
C GLY B 41 -12.22 -18.69 18.52
N ILE B 42 -13.50 -18.54 18.25
CA ILE B 42 -13.94 -18.19 16.92
C ILE B 42 -13.90 -16.67 16.77
N VAL B 43 -13.63 -16.23 15.56
CA VAL B 43 -13.54 -14.81 15.26
C VAL B 43 -14.59 -14.50 14.21
N CYS B 44 -15.34 -13.42 14.42
CA CYS B 44 -16.36 -13.01 13.47
C CYS B 44 -15.98 -11.71 12.78
N ALA B 45 -16.45 -11.53 11.56
CA ALA B 45 -16.46 -10.22 10.92
C ALA B 45 -17.79 -9.55 11.23
N ALA B 46 -17.76 -8.23 11.32
CA ALA B 46 -18.97 -7.48 11.63
C ALA B 46 -18.90 -6.09 11.03
N TYR B 47 -20.06 -5.49 10.84
CA TYR B 47 -20.12 -4.11 10.43
C TYR B 47 -20.34 -3.21 11.65
N ASP B 48 -19.45 -2.25 11.86
CA ASP B 48 -19.60 -1.28 12.94
C ASP B 48 -20.37 -0.09 12.40
N ALA B 49 -21.64 0.02 12.76
CA ALA B 49 -22.47 1.08 12.20
C ALA B 49 -22.04 2.45 12.69
N VAL B 50 -21.37 2.49 13.84
CA VAL B 50 -20.87 3.75 14.37
C VAL B 50 -19.66 4.24 13.58
N LEU B 51 -18.72 3.35 13.29
CA LEU B 51 -17.51 3.76 12.60
C LEU B 51 -17.68 3.71 11.08
N ASP B 52 -18.77 3.09 10.63
CA ASP B 52 -19.02 2.86 9.22
C ASP B 52 -17.86 2.13 8.55
N ARG B 53 -17.50 0.99 9.14
CA ARG B 53 -16.44 0.14 8.62
C ARG B 53 -16.50 -1.27 9.17
N ASN B 54 -16.00 -2.21 8.40
CA ASN B 54 -16.00 -3.60 8.84
C ASN B 54 -14.92 -3.89 9.87
N VAL B 55 -15.26 -4.64 10.90
CA VAL B 55 -14.31 -4.97 11.95
C VAL B 55 -14.27 -6.46 12.20
N ALA B 56 -13.26 -6.91 12.94
CA ALA B 56 -13.16 -8.30 13.38
C ALA B 56 -13.39 -8.35 14.89
N ILE B 57 -14.10 -9.37 15.33
CA ILE B 57 -14.45 -9.51 16.74
C ILE B 57 -13.99 -10.87 17.27
N LYS B 58 -13.16 -10.82 18.30
CA LYS B 58 -12.59 -12.01 18.93
C LYS B 58 -13.22 -12.17 20.31
N LYS B 59 -13.80 -13.33 20.60
CA LYS B 59 -14.35 -13.57 21.92
C LYS B 59 -13.43 -14.40 22.83
N LEU B 60 -12.99 -13.81 23.94
CA LEU B 60 -12.18 -14.56 24.90
C LEU B 60 -13.13 -15.23 25.87
N SER B 61 -13.22 -16.56 25.85
CA SER B 61 -14.18 -17.23 26.73
C SER B 61 -13.57 -17.54 28.10
N ARG B 62 -14.04 -16.84 29.12
CA ARG B 62 -13.52 -16.98 30.49
C ARG B 62 -11.99 -17.04 30.50
N PRO B 63 -11.36 -15.93 30.09
CA PRO B 63 -9.89 -15.94 29.93
C PRO B 63 -9.12 -16.18 31.21
N PHE B 64 -9.77 -16.04 32.35
CA PHE B 64 -9.11 -16.18 33.63
C PHE B 64 -9.20 -17.60 34.19
N GLN B 65 -9.66 -18.54 33.36
CA GLN B 65 -9.92 -19.91 33.80
C GLN B 65 -8.69 -20.68 34.32
N ASN B 66 -7.50 -20.33 33.86
CA ASN B 66 -6.28 -20.92 34.45
C ASN B 66 -5.10 -20.02 34.16
N GLN B 67 -3.99 -20.33 34.75
CA GLN B 67 -2.86 -19.47 34.65
C GLN B 67 -2.38 -19.26 33.21
N THR B 68 -2.46 -20.27 32.40
CA THR B 68 -1.99 -20.18 31.02
C THR B 68 -2.87 -19.28 30.15
N HIS B 69 -4.19 -19.51 30.22
CA HIS B 69 -5.14 -18.68 29.49
C HIS B 69 -5.05 -17.23 29.94
N ALA B 70 -4.96 -17.04 31.25
CA ALA B 70 -5.03 -15.71 31.85
C ALA B 70 -3.81 -14.87 31.50
N LYS B 71 -2.62 -15.46 31.67
CA LYS B 71 -1.38 -14.76 31.34
C LYS B 71 -1.37 -14.32 29.87
N ARG B 72 -1.78 -15.23 28.98
CA ARG B 72 -1.83 -14.90 27.56
C ARG B 72 -2.89 -13.84 27.24
N ALA B 73 -4.11 -14.03 27.75
CA ALA B 73 -5.22 -13.10 27.52
C ALA B 73 -4.92 -11.71 28.07
N TYR B 74 -4.38 -11.66 29.28
CA TYR B 74 -4.03 -10.38 29.90
C TYR B 74 -2.96 -9.66 29.10
N ARG B 75 -1.96 -10.42 28.66
CA ARG B 75 -0.86 -9.87 27.88
C ARG B 75 -1.32 -9.29 26.54
N GLU B 76 -2.13 -10.05 25.82
CA GLU B 76 -2.69 -9.63 24.54
C GLU B 76 -3.51 -8.36 24.73
N LEU B 77 -4.28 -8.31 25.82
CA LEU B 77 -5.15 -7.17 26.09
C LEU B 77 -4.34 -5.91 26.37
N VAL B 78 -3.34 -6.02 27.22
CA VAL B 78 -2.54 -4.88 27.60
C VAL B 78 -1.67 -4.36 26.45
N LEU B 79 -0.99 -5.28 25.77
CA LEU B 79 -0.12 -4.89 24.67
C LEU B 79 -0.89 -4.31 23.49
N MET B 80 -2.03 -4.91 23.15
CA MET B 80 -2.77 -4.46 21.98
C MET B 80 -3.43 -3.09 22.21
N LYS B 81 -3.71 -2.77 23.46
CA LYS B 81 -4.20 -1.44 23.80
C LYS B 81 -3.08 -0.41 23.70
N CYS B 82 -1.94 -0.75 24.31
CA CYS B 82 -0.85 0.19 24.49
C CYS B 82 -0.01 0.43 23.24
N VAL B 83 0.24 -0.63 22.46
CA VAL B 83 1.06 -0.48 21.27
C VAL B 83 0.25 0.21 20.17
N ASN B 84 0.88 1.17 19.51
CA ASN B 84 0.26 1.86 18.40
C ASN B 84 1.25 2.02 17.25
N HIS B 85 1.32 1.01 16.41
CA HIS B 85 2.25 1.03 15.28
C HIS B 85 1.48 0.50 14.09
N LYS B 86 1.74 1.07 12.92
CA LYS B 86 0.92 0.76 11.76
C LYS B 86 1.10 -0.67 11.27
N ASN B 87 2.16 -1.34 11.72
CA ASN B 87 2.34 -2.74 11.31
C ASN B 87 2.03 -3.72 12.44
N ILE B 88 1.34 -3.23 13.47
CA ILE B 88 0.81 -4.09 14.52
C ILE B 88 -0.70 -3.87 14.56
N ILE B 89 -1.48 -4.95 14.55
CA ILE B 89 -2.95 -4.84 14.56
C ILE B 89 -3.42 -3.97 15.74
N SER B 90 -4.33 -3.03 15.47
CA SER B 90 -4.72 -2.10 16.52
C SER B 90 -6.10 -2.44 17.09
N LEU B 91 -6.20 -2.27 18.39
CA LEU B 91 -7.45 -2.51 19.10
C LEU B 91 -8.41 -1.33 18.91
N LEU B 92 -9.58 -1.61 18.34
CA LEU B 92 -10.58 -0.55 18.14
C LEU B 92 -11.47 -0.41 19.37
N ASN B 93 -11.75 -1.52 20.04
CA ASN B 93 -12.63 -1.47 21.20
C ASN B 93 -12.55 -2.75 22.04
N VAL B 94 -12.90 -2.63 23.32
CA VAL B 94 -13.01 -3.79 24.24
C VAL B 94 -14.26 -3.67 25.11
N PHE B 95 -14.96 -4.79 25.30
CA PHE B 95 -16.12 -4.79 26.19
C PHE B 95 -16.45 -6.17 26.73
N THR B 96 -17.20 -6.18 27.83
CA THR B 96 -17.83 -7.39 28.33
C THR B 96 -19.32 -7.09 28.48
N PRO B 97 -20.18 -8.04 28.11
CA PRO B 97 -21.62 -7.80 28.27
C PRO B 97 -22.04 -7.92 29.73
N GLN B 98 -21.18 -8.51 30.56
CA GLN B 98 -21.53 -8.71 31.97
C GLN B 98 -21.34 -7.42 32.78
N LYS B 99 -22.15 -7.27 33.82
CA LYS B 99 -22.30 -5.99 34.51
C LYS B 99 -21.44 -5.82 35.78
N THR B 100 -21.04 -6.94 36.38
CA THR B 100 -20.24 -6.89 37.61
C THR B 100 -19.02 -7.79 37.52
N LEU B 101 -18.06 -7.56 38.41
CA LEU B 101 -16.91 -8.44 38.51
C LEU B 101 -17.37 -9.87 38.78
N GLU B 102 -18.39 -10.03 39.61
CA GLU B 102 -18.83 -11.38 39.98
C GLU B 102 -19.46 -12.12 38.81
N GLU B 103 -20.19 -11.40 37.96
CA GLU B 103 -20.81 -12.00 36.78
C GLU B 103 -19.87 -12.09 35.58
N PHE B 104 -18.74 -11.39 35.66
CA PHE B 104 -17.78 -11.31 34.55
C PHE B 104 -17.34 -12.68 34.03
N GLN B 105 -17.53 -12.91 32.73
CA GLN B 105 -17.04 -14.14 32.11
C GLN B 105 -16.24 -13.89 30.86
N ASP B 106 -16.82 -13.14 29.91
CA ASP B 106 -16.25 -13.05 28.57
C ASP B 106 -15.68 -11.67 28.24
N VAL B 107 -14.67 -11.68 27.37
CA VAL B 107 -14.06 -10.47 26.85
C VAL B 107 -14.14 -10.49 25.35
N TYR B 108 -14.59 -9.38 24.76
CA TYR B 108 -14.65 -9.26 23.31
C TYR B 108 -13.64 -8.22 22.86
N LEU B 109 -12.79 -8.59 21.91
CA LEU B 109 -11.82 -7.67 21.33
C LEU B 109 -12.26 -7.27 19.92
N VAL B 110 -12.33 -5.97 19.67
CA VAL B 110 -12.73 -5.48 18.36
C VAL B 110 -11.55 -4.83 17.67
N MET B 111 -11.24 -5.34 16.50
CA MET B 111 -10.10 -4.89 15.74
C MET B 111 -10.48 -4.57 14.30
N GLU B 112 -9.59 -3.93 13.59
CA GLU B 112 -9.84 -3.66 12.19
C GLU B 112 -9.88 -5.00 11.44
N LEU B 113 -10.78 -5.08 10.45
CA LEU B 113 -10.89 -6.30 9.66
C LEU B 113 -9.93 -6.25 8.49
N MET B 114 -8.99 -7.18 8.44
CA MET B 114 -8.02 -7.25 7.35
C MET B 114 -8.54 -8.22 6.29
N ASP B 115 -7.93 -8.19 5.11
CA ASP B 115 -8.50 -8.89 3.96
C ASP B 115 -8.05 -10.35 3.81
N ALA B 116 -6.83 -10.65 4.26
CA ALA B 116 -6.28 -12.00 4.11
C ALA B 116 -5.05 -12.16 5.00
N ASN B 117 -4.67 -13.39 5.31
CA ASN B 117 -3.39 -13.59 5.97
C ASN B 117 -2.33 -13.95 4.92
N LEU B 118 -1.08 -14.08 5.33
CA LEU B 118 -0.01 -14.25 4.37
C LEU B 118 -0.09 -15.58 3.62
N CYS B 119 -0.79 -16.57 4.18
CA CYS B 119 -0.98 -17.86 3.49
C CYS B 119 -1.59 -17.65 2.09
N GLN B 120 -2.51 -16.70 2.00
CA GLN B 120 -3.12 -16.38 0.72
C GLN B 120 -2.11 -15.66 -0.18
N VAL B 121 -1.43 -14.67 0.39
CA VAL B 121 -0.45 -13.89 -0.36
C VAL B 121 0.65 -14.76 -0.96
N ILE B 122 1.13 -15.71 -0.16
CA ILE B 122 2.21 -16.64 -0.52
C ILE B 122 1.88 -17.42 -1.80
N GLN B 123 0.59 -17.64 -2.06
CA GLN B 123 0.21 -18.34 -3.28
C GLN B 123 0.26 -17.44 -4.50
N MET B 124 0.29 -16.13 -4.30
CA MET B 124 0.31 -15.20 -5.44
C MET B 124 1.69 -15.01 -6.05
N GLU B 125 1.79 -14.77 -7.36
CA GLU B 125 3.08 -14.36 -7.88
C GLU B 125 3.24 -12.86 -7.62
N LEU B 126 4.33 -12.50 -6.98
CA LEU B 126 4.54 -11.12 -6.52
C LEU B 126 5.71 -10.45 -7.22
N ASP B 127 5.48 -9.20 -7.59
CA ASP B 127 6.53 -8.36 -8.12
C ASP B 127 7.50 -8.00 -6.99
N HIS B 128 8.70 -7.59 -7.35
CA HIS B 128 9.70 -7.19 -6.35
C HIS B 128 9.21 -6.04 -5.49
N GLU B 129 8.45 -5.12 -6.08
CA GLU B 129 7.91 -3.99 -5.32
C GLU B 129 7.03 -4.45 -4.15
N ARG B 130 6.02 -5.26 -4.45
CA ARG B 130 5.16 -5.78 -3.38
C ARG B 130 5.95 -6.63 -2.40
N MET B 131 6.78 -7.54 -2.91
CA MET B 131 7.47 -8.46 -2.01
C MET B 131 8.39 -7.69 -1.04
N SER B 132 9.17 -6.76 -1.58
CA SER B 132 10.08 -6.01 -0.71
C SER B 132 9.31 -5.14 0.29
N TYR B 133 8.18 -4.59 -0.16
CA TYR B 133 7.35 -3.77 0.73
C TYR B 133 6.71 -4.59 1.86
N LEU B 134 6.25 -5.79 1.55
CA LEU B 134 5.69 -6.64 2.60
C LEU B 134 6.79 -6.96 3.61
N LEU B 135 7.99 -7.26 3.12
CA LEU B 135 9.09 -7.63 4.01
C LEU B 135 9.54 -6.47 4.89
N TYR B 136 9.63 -5.30 4.27
CA TYR B 136 9.94 -4.07 4.99
C TYR B 136 8.97 -3.86 6.15
N GLN B 137 7.68 -4.02 5.87
CA GLN B 137 6.70 -3.79 6.92
C GLN B 137 6.80 -4.82 8.05
N MET B 138 7.06 -6.07 7.73
CA MET B 138 7.27 -7.08 8.75
C MET B 138 8.43 -6.68 9.65
N LEU B 139 9.51 -6.26 9.03
CA LEU B 139 10.71 -5.92 9.77
C LEU B 139 10.46 -4.71 10.64
N CYS B 140 9.64 -3.76 10.17
CA CYS B 140 9.26 -2.60 11.00
C CYS B 140 8.45 -3.03 12.23
N GLY B 141 7.49 -3.93 12.02
CA GLY B 141 6.65 -4.40 13.13
C GLY B 141 7.50 -5.14 14.15
N ILE B 142 8.38 -5.98 13.64
CA ILE B 142 9.27 -6.76 14.51
C ILE B 142 10.23 -5.84 15.26
N LYS B 143 10.78 -4.84 14.57
CA LYS B 143 11.67 -3.90 15.23
C LYS B 143 10.94 -3.21 16.36
N HIS B 144 9.68 -2.84 16.12
CA HIS B 144 8.94 -2.13 17.14
C HIS B 144 8.67 -3.04 18.36
N LEU B 145 8.27 -4.29 18.11
CA LEU B 145 8.11 -5.25 19.21
C LEU B 145 9.43 -5.40 19.95
N HIS B 146 10.53 -5.56 19.23
CA HIS B 146 11.83 -5.75 19.90
C HIS B 146 12.20 -4.54 20.74
N SER B 147 11.86 -3.35 20.25
CA SER B 147 12.23 -2.12 20.98
C SER B 147 11.50 -2.07 22.32
N ALA B 148 10.33 -2.71 22.36
CA ALA B 148 9.54 -2.78 23.58
C ALA B 148 9.94 -3.98 24.44
N GLY B 149 11.00 -4.68 24.05
CA GLY B 149 11.47 -5.83 24.80
C GLY B 149 10.72 -7.13 24.48
N ILE B 150 9.94 -7.10 23.41
CA ILE B 150 9.15 -8.26 23.01
C ILE B 150 9.79 -9.06 21.89
N ILE B 151 10.18 -10.30 22.20
CA ILE B 151 10.76 -11.16 21.18
C ILE B 151 9.72 -12.22 20.83
N HIS B 152 9.23 -12.16 19.61
CA HIS B 152 7.98 -12.83 19.27
C HIS B 152 8.09 -14.35 19.30
N ARG B 153 9.02 -14.87 18.50
CA ARG B 153 9.36 -16.31 18.41
C ARG B 153 8.32 -17.21 17.79
N ASP B 154 7.16 -16.69 17.41
CA ASP B 154 6.19 -17.54 16.72
C ASP B 154 5.56 -16.89 15.49
N LEU B 155 6.35 -16.11 14.76
CA LEU B 155 5.85 -15.44 13.57
C LEU B 155 5.55 -16.49 12.49
N LYS B 156 4.41 -16.37 11.82
CA LYS B 156 3.99 -17.33 10.82
C LYS B 156 2.99 -16.67 9.90
N PRO B 157 2.80 -17.21 8.68
CA PRO B 157 1.87 -16.61 7.70
C PRO B 157 0.45 -16.42 8.23
N SER B 158 -0.04 -17.35 9.05
CA SER B 158 -1.43 -17.22 9.52
C SER B 158 -1.59 -16.10 10.56
N ASN B 159 -0.50 -15.66 11.21
CA ASN B 159 -0.70 -14.56 12.18
C ASN B 159 -0.11 -13.24 11.66
N ILE B 160 -0.04 -13.13 10.33
CA ILE B 160 0.33 -11.88 9.70
C ILE B 160 -0.73 -11.60 8.65
N VAL B 161 -1.30 -10.40 8.67
CA VAL B 161 -2.45 -10.11 7.80
C VAL B 161 -2.20 -8.88 6.93
N VAL B 162 -2.94 -8.78 5.83
CA VAL B 162 -2.78 -7.69 4.89
C VAL B 162 -4.09 -7.15 4.37
N LYS B 163 -4.03 -5.93 3.83
CA LYS B 163 -5.10 -5.34 3.03
C LYS B 163 -4.76 -5.54 1.55
N SER B 164 -5.74 -5.44 0.70
CA SER B 164 -5.57 -5.58 -0.72
C SER B 164 -4.47 -4.71 -1.30
N ASP B 165 -4.24 -3.56 -0.70
CA ASP B 165 -3.18 -2.67 -1.15
C ASP B 165 -1.78 -2.98 -0.60
N CYS B 166 -1.59 -4.14 -0.02
CA CYS B 166 -0.32 -4.58 0.49
C CYS B 166 0.13 -4.00 1.85
N THR B 167 -0.70 -3.22 2.49
CA THR B 167 -0.46 -2.84 3.88
C THR B 167 -0.53 -4.07 4.82
N LEU B 168 0.39 -4.17 5.77
CA LEU B 168 0.59 -5.42 6.53
C LEU B 168 0.62 -5.15 8.03
N LYS B 169 0.05 -6.08 8.80
CA LYS B 169 0.03 -6.00 10.27
C LYS B 169 0.24 -7.37 10.88
N ILE B 170 1.05 -7.41 11.93
CA ILE B 170 1.25 -8.61 12.76
C ILE B 170 0.06 -8.74 13.71
N LEU B 171 -0.47 -9.96 13.89
CA LEU B 171 -1.72 -10.16 14.64
C LEU B 171 -1.55 -10.33 16.15
N ASP B 172 -0.43 -10.86 16.60
CA ASP B 172 -0.30 -11.14 18.02
C ASP B 172 1.14 -10.96 18.50
N PHE B 173 1.39 -11.28 19.77
CA PHE B 173 2.65 -10.88 20.40
C PHE B 173 3.55 -12.04 20.78
N GLY B 174 3.25 -13.21 20.23
CA GLY B 174 4.10 -14.38 20.35
C GLY B 174 4.06 -15.19 21.64
N LEU B 175 5.10 -15.96 21.84
CA LEU B 175 5.13 -16.97 22.85
C LEU B 175 5.25 -16.44 24.24
N ALA B 176 4.81 -17.25 25.20
CA ALA B 176 4.97 -16.92 26.61
C ALA B 176 6.39 -17.17 27.09
N VAL B 190 -1.11 -26.24 16.42
CA VAL B 190 -0.07 -25.22 16.26
C VAL B 190 0.87 -25.57 15.11
N THR B 191 1.12 -24.61 14.24
CA THR B 191 2.03 -24.82 13.13
C THR B 191 3.42 -24.35 13.57
N ARG B 192 4.40 -25.25 13.53
CA ARG B 192 5.73 -24.92 14.03
C ARG B 192 6.80 -24.78 12.93
N TYR B 193 6.38 -24.81 11.66
CA TYR B 193 7.32 -24.77 10.53
C TYR B 193 8.24 -23.55 10.47
N TYR B 194 7.92 -22.49 11.22
CA TYR B 194 8.62 -21.19 11.11
C TYR B 194 9.48 -20.86 12.34
N ARG B 195 9.48 -21.77 13.31
CA ARG B 195 10.25 -21.53 14.52
C ARG B 195 11.73 -21.77 14.29
N ALA B 196 12.56 -20.94 14.92
CA ALA B 196 14.00 -20.97 14.69
C ALA B 196 14.68 -22.21 15.26
N PRO B 197 15.81 -22.61 14.65
CA PRO B 197 16.60 -23.74 15.17
C PRO B 197 16.94 -23.61 16.66
N GLU B 198 17.37 -22.43 17.10
CA GLU B 198 17.76 -22.31 18.51
C GLU B 198 16.51 -22.49 19.41
N VAL B 199 15.33 -22.24 18.87
CA VAL B 199 14.10 -22.53 19.61
C VAL B 199 13.85 -24.04 19.60
N ILE B 200 13.97 -24.67 18.43
CA ILE B 200 13.80 -26.12 18.30
C ILE B 200 14.79 -26.91 19.14
N LEU B 201 16.04 -26.49 19.18
CA LEU B 201 17.10 -27.26 19.79
C LEU B 201 17.40 -26.84 21.21
N GLY B 202 16.63 -25.89 21.69
CA GLY B 202 16.81 -25.30 22.99
C GLY B 202 18.15 -24.68 23.35
N MET B 203 18.62 -23.71 22.58
CA MET B 203 19.91 -23.12 22.82
C MET B 203 19.87 -21.78 23.52
N GLY B 204 18.71 -21.28 23.83
CA GLY B 204 18.64 -19.88 24.21
C GLY B 204 18.65 -19.06 22.93
N TYR B 205 18.28 -17.79 23.03
CA TYR B 205 18.09 -16.96 21.84
C TYR B 205 18.39 -15.47 22.08
N LYS B 206 18.63 -14.74 20.99
CA LYS B 206 18.64 -13.27 21.05
C LYS B 206 17.59 -12.78 20.03
N GLU B 207 17.52 -11.46 19.82
CA GLU B 207 16.46 -10.92 19.00
C GLU B 207 16.42 -11.45 17.56
N ASN B 208 17.56 -11.84 16.96
CA ASN B 208 17.45 -12.27 15.55
C ASN B 208 16.86 -13.68 15.39
N VAL B 209 16.36 -14.24 16.48
CA VAL B 209 15.53 -15.45 16.41
C VAL B 209 14.33 -15.17 15.49
N ASP B 210 13.81 -13.94 15.49
CA ASP B 210 12.65 -13.62 14.68
C ASP B 210 13.00 -13.52 13.19
N ILE B 211 14.27 -13.30 12.88
CA ILE B 211 14.72 -13.20 11.50
C ILE B 211 14.61 -14.55 10.78
N TRP B 212 14.84 -15.65 11.50
CA TRP B 212 14.68 -16.96 10.89
C TRP B 212 13.29 -17.14 10.32
N SER B 213 12.30 -16.77 11.12
CA SER B 213 10.90 -16.88 10.71
C SER B 213 10.62 -16.02 9.46
N VAL B 214 11.19 -14.82 9.43
CA VAL B 214 11.02 -13.95 8.26
C VAL B 214 11.62 -14.63 7.04
N GLY B 215 12.77 -15.26 7.24
CA GLY B 215 13.44 -15.96 6.16
C GLY B 215 12.57 -17.09 5.63
N CYS B 216 11.94 -17.85 6.53
CA CYS B 216 11.04 -18.93 6.12
C CYS B 216 9.85 -18.38 5.36
N ILE B 217 9.32 -17.26 5.84
CA ILE B 217 8.17 -16.65 5.16
C ILE B 217 8.56 -16.14 3.78
N MET B 218 9.71 -15.48 3.69
CA MET B 218 10.18 -14.96 2.40
C MET B 218 10.46 -16.09 1.41
N GLY B 219 11.07 -17.16 1.88
CA GLY B 219 11.40 -18.27 1.00
C GLY B 219 10.14 -18.90 0.46
N GLU B 220 9.11 -18.93 1.31
CA GLU B 220 7.85 -19.50 0.92
C GLU B 220 7.12 -18.56 -0.07
N MET B 221 7.32 -17.25 0.08
CA MET B 221 6.77 -16.31 -0.88
C MET B 221 7.38 -16.52 -2.25
N VAL B 222 8.65 -16.87 -2.28
CA VAL B 222 9.34 -17.06 -3.56
C VAL B 222 9.05 -18.44 -4.19
N ARG B 223 9.06 -19.50 -3.37
CA ARG B 223 8.92 -20.88 -3.86
C ARG B 223 7.45 -21.32 -3.96
N HIS B 224 6.58 -20.62 -3.25
CA HIS B 224 5.16 -20.98 -3.15
C HIS B 224 4.99 -22.40 -2.58
N LYS B 225 5.89 -22.77 -1.68
CA LYS B 225 5.81 -24.03 -0.95
C LYS B 225 6.45 -23.84 0.42
N ILE B 226 5.93 -24.54 1.43
CA ILE B 226 6.51 -24.42 2.76
C ILE B 226 7.93 -24.99 2.74
N LEU B 227 8.89 -24.22 3.25
CA LEU B 227 10.29 -24.62 3.24
C LEU B 227 10.55 -25.87 4.09
N PHE B 228 10.14 -25.81 5.36
CA PHE B 228 10.48 -26.88 6.31
C PHE B 228 9.22 -27.47 6.94
N PRO B 229 8.43 -28.20 6.13
CA PRO B 229 7.12 -28.68 6.57
C PRO B 229 7.15 -29.94 7.45
N GLY B 230 7.86 -29.91 8.58
CA GLY B 230 7.96 -31.10 9.40
C GLY B 230 6.71 -31.47 10.18
N ARG B 231 6.36 -32.75 10.20
CA ARG B 231 5.25 -33.28 11.00
C ARG B 231 5.56 -33.25 12.48
N ASP B 232 6.83 -33.14 12.78
CA ASP B 232 7.28 -32.94 14.15
C ASP B 232 8.66 -32.32 14.00
N TYR B 233 9.30 -31.96 15.11
CA TYR B 233 10.59 -31.28 15.05
C TYR B 233 11.71 -32.13 14.48
N ILE B 234 11.63 -33.44 14.68
CA ILE B 234 12.64 -34.33 14.13
C ILE B 234 12.53 -34.31 12.61
N ASP B 235 11.32 -34.44 12.11
CA ASP B 235 11.06 -34.32 10.68
C ASP B 235 11.49 -32.94 10.15
N GLN B 236 11.15 -31.90 10.91
CA GLN B 236 11.45 -30.54 10.55
C GLN B 236 12.96 -30.32 10.48
N TRP B 237 13.68 -30.81 11.47
CA TRP B 237 15.12 -30.67 11.46
C TRP B 237 15.74 -31.38 10.25
N ASN B 238 15.21 -32.54 9.87
CA ASN B 238 15.73 -33.19 8.66
C ASN B 238 15.54 -32.30 7.40
N LYS B 239 14.37 -31.68 7.27
CA LYS B 239 14.11 -30.80 6.14
C LYS B 239 15.02 -29.58 6.15
N VAL B 240 15.41 -29.12 7.34
CA VAL B 240 16.32 -28.01 7.43
C VAL B 240 17.73 -28.40 6.95
N ILE B 241 18.27 -29.51 7.43
CA ILE B 241 19.64 -29.87 7.06
C ILE B 241 19.72 -30.37 5.61
N GLU B 242 18.66 -30.96 5.09
CA GLU B 242 18.67 -31.43 3.70
C GLU B 242 18.81 -30.26 2.71
N GLN B 243 18.28 -29.11 3.07
CA GLN B 243 18.29 -27.98 2.15
C GLN B 243 19.40 -26.99 2.48
N LEU B 244 19.63 -26.74 3.77
CA LEU B 244 20.60 -25.71 4.12
C LEU B 244 21.97 -26.29 4.44
N GLY B 245 22.02 -27.61 4.69
CA GLY B 245 23.26 -28.26 5.05
C GLY B 245 23.45 -28.44 6.56
N THR B 246 24.18 -29.47 6.93
CA THR B 246 24.56 -29.70 8.32
C THR B 246 25.30 -28.51 8.91
N PRO B 247 24.91 -28.07 10.12
CA PRO B 247 25.61 -26.95 10.77
C PRO B 247 27.09 -27.26 11.07
N CYS B 248 27.88 -26.20 11.27
CA CYS B 248 29.32 -26.35 11.49
C CYS B 248 29.58 -27.09 12.79
N PRO B 249 30.73 -27.78 12.87
CA PRO B 249 31.11 -28.47 14.11
C PRO B 249 31.12 -27.52 15.28
N GLU B 250 31.52 -26.27 15.03
CA GLU B 250 31.49 -25.22 16.03
C GLU B 250 30.12 -25.14 16.66
N PHE B 251 29.12 -24.92 15.83
CA PHE B 251 27.74 -24.79 16.23
C PHE B 251 27.30 -25.99 17.04
N MET B 252 27.68 -27.18 16.60
CA MET B 252 27.17 -28.38 17.22
C MET B 252 27.69 -28.66 18.62
N LYS B 253 28.90 -28.21 18.93
CA LYS B 253 29.47 -28.35 20.24
C LYS B 253 28.78 -27.51 21.30
N LYS B 254 28.10 -26.49 20.86
CA LYS B 254 27.36 -25.54 21.70
C LYS B 254 25.99 -26.08 22.14
N LEU B 255 25.60 -27.23 21.60
CA LEU B 255 24.30 -27.83 21.93
C LEU B 255 24.39 -28.59 23.23
N GLN B 256 23.29 -28.68 23.97
CA GLN B 256 23.20 -29.57 25.12
C GLN B 256 23.62 -30.98 24.66
N PRO B 257 24.30 -31.75 25.54
CA PRO B 257 24.84 -33.06 25.18
C PRO B 257 23.83 -34.01 24.51
N THR B 258 22.63 -34.10 25.05
CA THR B 258 21.63 -35.03 24.53
C THR B 258 21.14 -34.59 23.15
N VAL B 259 21.04 -33.28 22.96
CA VAL B 259 20.74 -32.72 21.66
C VAL B 259 21.92 -32.88 20.71
N ARG B 260 23.12 -32.54 21.20
CA ARG B 260 24.32 -32.60 20.37
C ARG B 260 24.48 -33.99 19.77
N ASN B 261 24.34 -35.00 20.63
CA ASN B 261 24.47 -36.39 20.25
C ASN B 261 23.58 -36.74 19.05
N TYR B 262 22.31 -36.37 19.11
CA TYR B 262 21.40 -36.69 18.03
C TYR B 262 21.77 -35.94 16.76
N VAL B 263 22.01 -34.65 16.92
CA VAL B 263 22.26 -33.78 15.78
C VAL B 263 23.55 -34.18 15.07
N GLU B 264 24.56 -34.57 15.86
CA GLU B 264 25.85 -34.98 15.28
C GLU B 264 25.76 -36.34 14.60
N ASN B 265 24.76 -37.14 14.98
CA ASN B 265 24.61 -38.49 14.43
C ASN B 265 23.86 -38.51 13.09
N ARG B 266 23.24 -37.41 12.72
CA ARG B 266 22.55 -37.29 11.46
C ARG B 266 23.50 -37.35 10.27
N PRO B 267 23.05 -37.87 9.14
CA PRO B 267 23.92 -37.86 7.96
C PRO B 267 24.35 -36.44 7.61
N LYS B 268 25.60 -36.26 7.22
CA LYS B 268 26.10 -34.95 6.93
C LYS B 268 25.64 -34.49 5.55
N TYR B 269 24.92 -33.40 5.44
CA TYR B 269 24.47 -32.82 4.17
C TYR B 269 25.28 -31.58 3.87
N ALA B 270 25.65 -31.39 2.60
CA ALA B 270 26.08 -30.08 2.12
C ALA B 270 24.84 -29.22 1.81
N GLY B 271 24.90 -27.92 2.02
CA GLY B 271 23.74 -27.12 1.63
C GLY B 271 23.50 -27.20 0.12
N LEU B 272 22.25 -27.06 -0.32
CA LEU B 272 21.91 -27.02 -1.75
C LEU B 272 22.39 -25.78 -2.48
N THR B 273 22.52 -24.70 -1.71
CA THR B 273 22.98 -23.36 -2.09
C THR B 273 21.77 -22.56 -2.57
N PHE B 274 21.81 -21.25 -2.36
CA PHE B 274 20.65 -20.41 -2.62
C PHE B 274 20.30 -20.21 -4.11
N PRO B 275 21.29 -20.20 -5.02
CA PRO B 275 20.87 -20.22 -6.42
C PRO B 275 20.06 -21.48 -6.80
N LYS B 276 20.32 -22.61 -6.16
CA LYS B 276 19.54 -23.81 -6.49
C LYS B 276 18.16 -23.76 -5.82
N LEU B 277 18.14 -23.31 -4.57
CA LEU B 277 16.89 -23.15 -3.82
C LEU B 277 16.01 -22.05 -4.41
N PHE B 278 16.63 -20.98 -4.86
CA PHE B 278 15.89 -19.85 -5.36
C PHE B 278 16.44 -19.37 -6.72
N PRO B 279 16.21 -20.18 -7.78
CA PRO B 279 16.75 -19.82 -9.10
C PRO B 279 16.03 -18.60 -9.69
N ASP B 280 16.59 -18.03 -10.76
CA ASP B 280 16.01 -16.84 -11.37
C ASP B 280 14.58 -17.07 -11.87
N SER B 281 14.28 -18.31 -12.27
CA SER B 281 12.98 -18.67 -12.81
C SER B 281 11.82 -18.36 -11.87
N LEU B 282 12.12 -18.24 -10.58
CA LEU B 282 11.07 -17.99 -9.61
C LEU B 282 10.84 -16.50 -9.42
N PHE B 283 11.70 -15.70 -9.98
CA PHE B 283 11.63 -14.28 -9.79
C PHE B 283 11.27 -13.59 -11.08
N PRO B 284 10.58 -12.39 -10.93
CA PRO B 284 10.56 -11.54 -12.12
C PRO B 284 11.96 -11.29 -12.51
N ALA B 285 12.31 -11.61 -13.72
CA ALA B 285 13.67 -11.44 -14.12
C ALA B 285 13.74 -11.23 -15.62
N ASP B 286 12.98 -10.24 -16.06
CA ASP B 286 12.87 -9.89 -17.44
C ASP B 286 13.91 -8.88 -17.79
N SER B 287 14.10 -7.91 -16.93
CA SER B 287 14.92 -6.76 -17.23
C SER B 287 16.25 -6.73 -16.53
N GLU B 288 17.04 -5.72 -16.81
CA GLU B 288 18.31 -5.54 -16.12
C GLU B 288 18.02 -5.31 -14.64
N HIS B 289 17.04 -4.44 -14.37
CA HIS B 289 16.59 -4.16 -13.01
C HIS B 289 16.08 -5.41 -12.29
N ASN B 290 15.25 -6.20 -12.94
CA ASN B 290 14.72 -7.40 -12.32
C ASN B 290 15.81 -8.45 -12.01
N LYS B 291 16.76 -8.61 -12.90
CA LYS B 291 17.88 -9.51 -12.61
C LYS B 291 18.61 -9.06 -11.35
N LEU B 292 18.85 -7.75 -11.26
CA LEU B 292 19.50 -7.18 -10.08
C LEU B 292 18.72 -7.52 -8.82
N LYS B 293 17.41 -7.33 -8.89
CA LYS B 293 16.56 -7.53 -7.74
C LYS B 293 16.51 -9.00 -7.33
N ALA B 294 16.60 -9.89 -8.33
CA ALA B 294 16.60 -11.32 -8.03
C ALA B 294 17.84 -11.71 -7.23
N SER B 295 19.00 -11.17 -7.62
CA SER B 295 20.23 -11.48 -6.92
C SER B 295 20.19 -10.90 -5.50
N GLN B 296 19.62 -9.70 -5.36
CA GLN B 296 19.44 -9.08 -4.04
C GLN B 296 18.49 -9.87 -3.15
N ALA B 297 17.40 -10.38 -3.72
CA ALA B 297 16.46 -11.17 -2.94
C ALA B 297 17.16 -12.42 -2.41
N ARG B 298 17.92 -13.06 -3.28
CA ARG B 298 18.64 -14.27 -2.94
C ARG B 298 19.69 -13.97 -1.88
N ASP B 299 20.32 -12.81 -2.00
CA ASP B 299 21.33 -12.45 -1.03
C ASP B 299 20.68 -12.27 0.33
N LEU B 300 19.53 -11.61 0.39
CA LEU B 300 18.91 -11.41 1.69
C LEU B 300 18.48 -12.76 2.27
N LEU B 301 17.89 -13.62 1.44
CA LEU B 301 17.50 -14.94 1.90
C LEU B 301 18.68 -15.71 2.49
N SER B 302 19.84 -15.59 1.84
CA SER B 302 21.05 -16.32 2.25
C SER B 302 21.57 -15.82 3.60
N LYS B 303 21.05 -14.67 4.04
CA LYS B 303 21.49 -14.09 5.29
C LYS B 303 20.43 -14.27 6.35
N MET B 304 19.21 -14.56 5.93
CA MET B 304 18.17 -14.82 6.92
C MET B 304 17.97 -16.31 7.20
N LEU B 305 18.07 -17.14 6.16
CA LEU B 305 17.88 -18.58 6.33
C LEU B 305 19.22 -19.19 6.72
N VAL B 306 19.66 -18.84 7.92
CA VAL B 306 20.97 -19.24 8.41
C VAL B 306 20.75 -19.94 9.75
N ILE B 307 21.17 -21.20 9.84
CA ILE B 307 20.94 -21.97 11.08
C ILE B 307 21.62 -21.33 12.28
N ASP B 308 22.89 -20.96 12.11
CA ASP B 308 23.67 -20.39 13.21
C ASP B 308 23.30 -18.90 13.45
N PRO B 309 22.73 -18.59 14.63
CA PRO B 309 22.31 -17.18 14.89
C PRO B 309 23.50 -16.24 14.90
N ALA B 310 24.70 -16.77 15.10
CA ALA B 310 25.87 -15.91 15.09
C ALA B 310 26.15 -15.36 13.68
N LYS B 311 25.60 -16.01 12.66
CA LYS B 311 25.86 -15.60 11.28
C LYS B 311 24.61 -15.09 10.61
N ARG B 312 23.50 -15.08 11.34
CA ARG B 312 22.22 -14.69 10.79
C ARG B 312 22.05 -13.19 10.92
N ILE B 313 21.57 -12.53 9.86
CA ILE B 313 21.42 -11.08 9.87
C ILE B 313 20.42 -10.61 10.95
N SER B 314 20.66 -9.42 11.49
CA SER B 314 19.75 -8.81 12.46
C SER B 314 18.61 -8.04 11.80
N VAL B 315 17.62 -7.66 12.60
CA VAL B 315 16.51 -6.84 12.09
C VAL B 315 17.03 -5.50 11.54
N ASP B 316 17.87 -4.83 12.33
CA ASP B 316 18.39 -3.53 11.93
C ASP B 316 19.20 -3.58 10.62
N ASP B 317 20.04 -4.59 10.47
CA ASP B 317 20.83 -4.72 9.23
C ASP B 317 19.95 -5.17 8.05
N ALA B 318 18.96 -6.03 8.30
CA ALA B 318 18.05 -6.41 7.20
C ALA B 318 17.32 -5.18 6.67
N LEU B 319 16.95 -4.26 7.55
CA LEU B 319 16.31 -3.02 7.09
C LEU B 319 17.21 -2.16 6.20
N GLN B 320 18.52 -2.33 6.34
CA GLN B 320 19.50 -1.63 5.51
C GLN B 320 19.87 -2.39 4.25
N HIS B 321 19.43 -3.63 4.13
CA HIS B 321 19.76 -4.43 2.97
C HIS B 321 19.18 -3.82 1.70
N PRO B 322 19.97 -3.86 0.61
CA PRO B 322 19.56 -3.24 -0.66
C PRO B 322 18.17 -3.69 -1.14
N TYR B 323 17.76 -4.92 -0.83
CA TYR B 323 16.44 -5.38 -1.29
C TYR B 323 15.34 -4.60 -0.55
N ILE B 324 15.67 -4.18 0.67
CA ILE B 324 14.67 -3.64 1.58
C ILE B 324 14.72 -2.12 1.68
N ASN B 325 15.92 -1.56 1.65
CA ASN B 325 16.11 -0.19 2.17
C ASN B 325 15.52 0.89 1.31
N VAL B 326 15.12 0.53 0.09
CA VAL B 326 14.44 1.49 -0.78
C VAL B 326 13.22 2.07 -0.06
N TRP B 327 12.61 1.25 0.78
CA TRP B 327 11.42 1.67 1.49
C TRP B 327 11.74 2.37 2.80
N TYR B 328 13.02 2.39 3.18
CA TYR B 328 13.40 2.89 4.51
C TYR B 328 12.97 4.34 4.76
N ASP B 329 12.15 4.51 5.79
CA ASP B 329 11.66 5.80 6.28
C ASP B 329 11.69 5.80 7.81
N PRO B 330 12.42 6.75 8.41
CA PRO B 330 12.62 6.87 9.86
C PRO B 330 11.35 6.85 10.71
N ALA B 331 10.25 7.41 10.23
CA ALA B 331 9.03 7.49 11.02
C ALA B 331 8.38 6.14 11.25
N GLU B 332 8.68 5.20 10.35
CA GLU B 332 8.12 3.86 10.43
C GLU B 332 9.07 2.91 11.16
N VAL B 333 10.35 3.19 11.04
CA VAL B 333 11.34 2.37 11.63
C VAL B 333 11.75 2.82 13.00
N GLU B 334 11.80 4.12 13.21
CA GLU B 334 12.40 4.67 14.41
C GLU B 334 11.45 5.20 15.47
N ALA B 335 10.17 4.84 15.37
CA ALA B 335 9.21 5.28 16.37
C ALA B 335 9.61 4.97 17.82
N PRO B 336 8.88 5.66 18.76
CA PRO B 336 9.25 5.40 20.14
C PRO B 336 8.59 4.17 20.73
N PRO B 337 9.15 3.62 21.80
CA PRO B 337 8.55 2.43 22.44
C PRO B 337 7.07 2.65 22.77
N PRO B 338 6.30 1.63 23.13
CA PRO B 338 4.88 1.82 23.45
C PRO B 338 4.63 2.04 24.94
N GLN B 339 3.74 2.96 25.30
CA GLN B 339 3.41 3.20 26.69
C GLN B 339 2.64 2.02 27.29
N ILE B 340 3.09 1.53 28.44
CA ILE B 340 2.45 0.41 29.10
C ILE B 340 2.37 0.62 30.61
N ASP B 346 6.76 -10.56 34.76
CA ASP B 346 5.37 -10.74 34.41
C ASP B 346 5.07 -12.17 34.04
N GLU B 347 5.90 -13.07 34.51
CA GLU B 347 5.54 -14.47 34.45
C GLU B 347 5.12 -14.90 35.84
N ARG B 348 4.68 -13.96 36.66
CA ARG B 348 4.25 -14.29 38.02
C ARG B 348 2.93 -15.04 38.00
N GLU B 349 2.77 -15.94 38.96
CA GLU B 349 1.55 -16.67 39.12
C GLU B 349 0.52 -15.90 39.95
N HIS B 350 -0.75 -16.09 39.63
CA HIS B 350 -1.81 -15.50 40.39
C HIS B 350 -2.91 -16.53 40.53
N THR B 351 -3.77 -16.32 41.50
CA THR B 351 -4.97 -17.13 41.59
C THR B 351 -5.96 -16.76 40.51
N ILE B 352 -6.93 -17.63 40.32
CA ILE B 352 -8.03 -17.39 39.40
C ILE B 352 -8.79 -16.11 39.76
N GLU B 353 -9.07 -15.91 41.05
CA GLU B 353 -9.75 -14.68 41.45
C GLU B 353 -8.91 -13.44 41.12
N GLU B 354 -7.60 -13.52 41.38
CA GLU B 354 -6.69 -12.41 41.08
C GLU B 354 -6.62 -12.11 39.58
N TRP B 355 -6.49 -13.15 38.76
CA TRP B 355 -6.51 -12.97 37.30
C TRP B 355 -7.82 -12.35 36.84
N LYS B 356 -8.91 -12.81 37.47
CA LYS B 356 -10.25 -12.37 37.14
C LYS B 356 -10.37 -10.86 37.37
N GLU B 357 -9.88 -10.41 38.53
CA GLU B 357 -9.91 -9.00 38.87
C GLU B 357 -9.01 -8.17 37.98
N LEU B 358 -7.80 -8.66 37.71
CA LEU B 358 -6.85 -7.97 36.84
C LEU B 358 -7.40 -7.75 35.44
N ILE B 359 -7.87 -8.82 34.81
CA ILE B 359 -8.38 -8.73 33.46
C ILE B 359 -9.62 -7.85 33.44
N TYR B 360 -10.48 -8.02 34.44
CA TYR B 360 -11.70 -7.23 34.52
C TYR B 360 -11.38 -5.74 34.62
N LYS B 361 -10.40 -5.40 35.46
CA LYS B 361 -10.03 -4.01 35.67
C LYS B 361 -9.42 -3.43 34.41
N GLU B 362 -8.65 -4.26 33.70
CA GLU B 362 -8.08 -3.84 32.44
C GLU B 362 -9.18 -3.62 31.42
N VAL B 363 -10.18 -4.49 31.40
CA VAL B 363 -11.27 -4.34 30.43
C VAL B 363 -12.09 -3.09 30.75
N MET B 364 -12.28 -2.83 32.04
CA MET B 364 -13.04 -1.66 32.51
C MET B 364 -12.22 -0.36 32.61
N ASN B 365 -10.89 -0.47 32.46
CA ASN B 365 -9.98 0.67 32.61
C ASN B 365 -10.13 1.37 33.96
#